data_7LT7
#
_entry.id   7LT7
#
_entity_poly.entity_id   1
_entity_poly.type   'polypeptide(L)'
_entity_poly.pdbx_seq_one_letter_code
;FNPVGVAFKGNNGKYLSRIHRSGIDYTEFAKDNTD
;
_entity_poly.pdbx_strand_id   A
#
# COMPACT_ATOMS: atom_id res chain seq x y z
N PHE A 1 12.51 3.23 -15.28
CA PHE A 1 12.14 1.89 -15.71
C PHE A 1 11.62 1.06 -14.53
N ASN A 2 10.51 0.35 -14.75
CA ASN A 2 9.91 -0.47 -13.71
C ASN A 2 8.71 -1.24 -14.26
N PRO A 3 8.97 -2.21 -15.14
CA PRO A 3 7.92 -3.03 -15.74
C PRO A 3 7.27 -3.98 -14.74
N VAL A 4 8.08 -4.53 -13.84
CA VAL A 4 7.60 -5.45 -12.83
C VAL A 4 6.51 -4.80 -11.97
N GLY A 5 6.67 -3.50 -11.71
CA GLY A 5 5.70 -2.79 -10.90
C GLY A 5 4.59 -2.17 -11.74
N VAL A 6 3.36 -2.57 -11.49
CA VAL A 6 2.21 -2.04 -12.23
C VAL A 6 1.45 -1.02 -11.39
N ALA A 7 0.78 -1.50 -10.35
CA ALA A 7 0.01 -0.62 -9.47
C ALA A 7 -0.60 -1.42 -8.32
N PHE A 8 -1.22 -2.55 -8.64
CA PHE A 8 -1.85 -3.39 -7.63
C PHE A 8 -0.87 -3.71 -6.50
N LYS A 9 0.39 -3.91 -6.86
CA LYS A 9 1.43 -4.22 -5.88
C LYS A 9 1.71 -3.03 -4.98
N GLY A 10 1.61 -3.23 -3.67
CA GLY A 10 1.85 -2.16 -2.73
C GLY A 10 0.74 -1.14 -2.71
N ASN A 11 -0.35 -1.47 -2.00
CA ASN A 11 -1.49 -0.57 -1.90
C ASN A 11 -2.40 -0.98 -0.75
N ASN A 12 -2.46 -0.13 0.27
CA ASN A 12 -3.29 -0.40 1.45
C ASN A 12 -4.29 0.73 1.68
N GLY A 13 -5.51 0.36 2.03
CA GLY A 13 -6.55 1.36 2.27
C GLY A 13 -6.57 1.83 3.70
N LYS A 14 -7.67 1.58 4.39
CA LYS A 14 -7.82 1.97 5.78
C LYS A 14 -8.74 1.02 6.53
N TYR A 15 -9.08 1.38 7.77
CA TYR A 15 -9.96 0.55 8.59
C TYR A 15 -11.38 0.53 8.03
N LEU A 16 -11.64 -0.41 7.13
CA LEU A 16 -12.96 -0.54 6.52
C LEU A 16 -14.00 -0.97 7.55
N SER A 17 -14.65 0.01 8.17
CA SER A 17 -15.67 -0.26 9.17
C SER A 17 -16.33 1.03 9.65
N ARG A 18 -17.58 1.23 9.28
CA ARG A 18 -18.32 2.42 9.67
C ARG A 18 -19.83 2.20 9.54
N ILE A 19 -20.27 1.97 8.30
CA ILE A 19 -21.69 1.74 8.04
C ILE A 19 -21.98 0.25 7.87
N HIS A 20 -23.15 -0.18 8.34
CA HIS A 20 -23.55 -1.57 8.24
C HIS A 20 -24.97 -1.69 7.70
N ARG A 21 -25.94 -1.21 8.47
CA ARG A 21 -27.34 -1.27 8.06
C ARG A 21 -28.23 -0.57 9.09
N SER A 22 -27.88 -0.72 10.36
CA SER A 22 -28.65 -0.12 11.44
C SER A 22 -28.60 1.41 11.36
N GLY A 23 -27.46 1.94 10.96
CA GLY A 23 -27.30 3.37 10.83
C GLY A 23 -27.60 3.88 9.44
N ILE A 24 -28.63 3.32 8.82
CA ILE A 24 -29.02 3.71 7.47
C ILE A 24 -30.29 3.00 7.03
N ASP A 25 -31.25 3.76 6.50
CA ASP A 25 -32.50 3.18 6.04
C ASP A 25 -32.98 3.89 4.77
N TYR A 26 -32.05 4.15 3.86
CA TYR A 26 -32.39 4.83 2.61
C TYR A 26 -32.25 3.88 1.42
N THR A 27 -32.61 4.36 0.24
CA THR A 27 -32.54 3.56 -0.97
C THR A 27 -32.26 4.42 -2.20
N GLU A 28 -31.01 4.85 -2.33
CA GLU A 28 -30.61 5.69 -3.46
C GLU A 28 -30.28 4.83 -4.68
N PHE A 29 -29.67 3.68 -4.43
CA PHE A 29 -29.30 2.77 -5.52
C PHE A 29 -30.47 1.86 -5.88
N ALA A 30 -31.14 1.32 -4.86
CA ALA A 30 -32.28 0.43 -5.08
C ALA A 30 -33.38 1.12 -5.87
N LYS A 31 -33.65 2.38 -5.53
CA LYS A 31 -34.68 3.16 -6.21
C LYS A 31 -34.14 4.51 -6.64
N ASP A 32 -33.96 4.69 -7.95
CA ASP A 32 -33.46 5.94 -8.49
C ASP A 32 -34.49 7.05 -8.35
N ASN A 33 -34.07 8.28 -8.64
CA ASN A 33 -34.96 9.43 -8.55
C ASN A 33 -35.29 9.98 -9.95
N THR A 34 -36.37 10.74 -10.03
CA THR A 34 -36.79 11.33 -11.29
C THR A 34 -36.49 12.82 -11.34
N ASP A 35 -36.43 13.38 -12.54
CA ASP A 35 -36.16 14.80 -12.72
C ASP A 35 -36.64 15.29 -14.08
N PHE A 1 6.84 -11.01 -23.84
CA PHE A 1 6.17 -10.06 -22.97
C PHE A 1 6.03 -10.62 -21.56
N ASN A 2 6.12 -9.73 -20.57
CA ASN A 2 6.01 -10.15 -19.16
C ASN A 2 5.67 -8.95 -18.28
N PRO A 3 4.41 -8.48 -18.37
CA PRO A 3 3.93 -7.35 -17.58
C PRO A 3 3.79 -7.68 -16.10
N VAL A 4 4.84 -7.37 -15.34
CA VAL A 4 4.84 -7.64 -13.90
C VAL A 4 3.79 -6.79 -13.19
N GLY A 5 3.61 -5.57 -13.66
CA GLY A 5 2.63 -4.68 -13.05
C GLY A 5 3.28 -3.61 -12.20
N VAL A 6 2.47 -2.90 -11.43
CA VAL A 6 2.97 -1.84 -10.56
C VAL A 6 1.85 -1.23 -9.72
N ALA A 7 0.67 -1.13 -10.32
CA ALA A 7 -0.48 -0.57 -9.63
C ALA A 7 -1.08 -1.58 -8.65
N PHE A 8 -1.26 -2.81 -9.12
CA PHE A 8 -1.81 -3.87 -8.28
C PHE A 8 -1.02 -4.03 -6.99
N LYS A 9 0.30 -4.00 -7.11
CA LYS A 9 1.18 -4.13 -5.94
C LYS A 9 1.45 -2.77 -5.31
N GLY A 10 1.33 -2.71 -3.99
CA GLY A 10 1.56 -1.47 -3.27
C GLY A 10 2.89 -1.46 -2.53
N ASN A 11 2.98 -0.63 -1.51
CA ASN A 11 4.20 -0.52 -0.72
C ASN A 11 3.88 -0.24 0.74
N ASN A 12 2.81 -0.84 1.25
CA ASN A 12 2.40 -0.64 2.63
C ASN A 12 1.47 -1.76 3.09
N GLY A 13 0.40 -1.97 2.34
CA GLY A 13 -0.55 -3.03 2.68
C GLY A 13 -1.97 -2.68 2.30
N LYS A 14 -2.92 -2.98 3.18
CA LYS A 14 -4.33 -2.69 2.91
C LYS A 14 -5.17 -2.97 4.16
N TYR A 15 -5.18 -4.21 4.60
CA TYR A 15 -5.95 -4.61 5.78
C TYR A 15 -5.48 -5.95 6.32
N LEU A 16 -4.16 -6.15 6.28
CA LEU A 16 -3.57 -7.40 6.78
C LEU A 16 -2.85 -7.17 8.11
N SER A 17 -3.44 -6.34 8.95
CA SER A 17 -2.86 -6.03 10.26
C SER A 17 -3.66 -6.69 11.38
N ARG A 18 -3.11 -6.66 12.59
CA ARG A 18 -3.76 -7.24 13.75
C ARG A 18 -3.21 -6.67 15.05
N ILE A 19 -1.89 -6.76 15.21
CA ILE A 19 -1.23 -6.25 16.40
C ILE A 19 -0.39 -5.03 16.09
N HIS A 20 -0.86 -3.86 16.50
CA HIS A 20 -0.15 -2.61 16.25
C HIS A 20 -0.65 -1.50 17.17
N ARG A 21 -1.96 -1.30 17.19
CA ARG A 21 -2.58 -0.28 18.03
C ARG A 21 -3.60 -0.89 18.98
N SER A 22 -3.83 -0.21 20.11
CA SER A 22 -4.78 -0.70 21.10
C SER A 22 -6.19 -0.21 20.78
N GLY A 23 -7.17 -0.71 21.52
CA GLY A 23 -8.55 -0.31 21.31
C GLY A 23 -8.77 1.16 21.56
N ILE A 24 -9.06 1.51 22.80
CA ILE A 24 -9.30 2.90 23.17
C ILE A 24 -8.02 3.72 23.09
N ASP A 25 -8.12 4.92 22.53
CA ASP A 25 -6.97 5.80 22.40
C ASP A 25 -7.08 7.00 23.35
N TYR A 26 -7.08 6.70 24.65
CA TYR A 26 -7.19 7.75 25.66
C TYR A 26 -5.82 8.34 25.98
N THR A 27 -5.67 9.65 25.75
CA THR A 27 -4.42 10.33 26.01
C THR A 27 -4.65 11.81 26.32
N GLU A 28 -3.64 12.46 26.88
CA GLU A 28 -3.74 13.87 27.21
C GLU A 28 -3.72 14.74 25.95
N PHE A 29 -2.90 14.36 24.99
CA PHE A 29 -2.79 15.09 23.74
C PHE A 29 -4.16 15.26 23.09
N ALA A 30 -4.96 14.20 23.14
CA ALA A 30 -6.30 14.23 22.56
C ALA A 30 -7.13 15.38 23.14
N LYS A 31 -6.96 15.63 24.44
CA LYS A 31 -7.69 16.69 25.12
C LYS A 31 -7.07 18.05 24.81
N ASP A 32 -5.74 18.08 24.71
CA ASP A 32 -5.03 19.32 24.42
C ASP A 32 -4.71 19.43 22.94
N ASN A 33 -5.67 19.05 22.10
CA ASN A 33 -5.49 19.10 20.65
C ASN A 33 -6.17 20.34 20.07
N THR A 34 -6.08 21.46 20.79
CA THR A 34 -6.68 22.71 20.35
C THR A 34 -5.64 23.81 20.27
N ASP A 35 -5.89 24.80 19.42
CA ASP A 35 -4.98 25.93 19.25
C ASP A 35 -5.05 26.87 20.44
N PHE A 1 18.08 1.95 -11.04
CA PHE A 1 17.38 1.78 -12.31
C PHE A 1 15.92 2.24 -12.20
N ASN A 2 15.22 2.22 -13.32
CA ASN A 2 13.83 2.64 -13.36
C ASN A 2 12.94 1.55 -13.94
N PRO A 3 12.77 0.45 -13.19
CA PRO A 3 11.95 -0.68 -13.61
C PRO A 3 10.46 -0.35 -13.64
N VAL A 4 9.67 -1.21 -14.25
CA VAL A 4 8.23 -1.01 -14.34
C VAL A 4 7.50 -1.79 -13.26
N GLY A 5 6.79 -1.07 -12.40
CA GLY A 5 6.04 -1.72 -11.33
C GLY A 5 4.57 -1.83 -11.63
N VAL A 6 3.80 -2.29 -10.64
CA VAL A 6 2.36 -2.46 -10.81
C VAL A 6 1.59 -1.72 -9.71
N ALA A 7 0.51 -1.05 -10.10
CA ALA A 7 -0.31 -0.32 -9.15
C ALA A 7 -0.93 -1.25 -8.12
N PHE A 8 -1.34 -2.43 -8.57
CA PHE A 8 -1.95 -3.42 -7.70
C PHE A 8 -0.96 -3.91 -6.65
N LYS A 9 0.26 -4.18 -7.08
CA LYS A 9 1.30 -4.66 -6.18
C LYS A 9 1.49 -3.70 -5.00
N GLY A 10 2.00 -2.50 -5.30
CA GLY A 10 2.22 -1.52 -4.25
C GLY A 10 0.93 -1.10 -3.57
N ASN A 11 1.04 -0.56 -2.37
CA ASN A 11 -0.12 -0.11 -1.61
C ASN A 11 0.12 1.26 -1.01
N ASN A 12 -0.95 1.87 -0.48
CA ASN A 12 -0.86 3.19 0.13
C ASN A 12 0.02 3.14 1.38
N GLY A 13 0.04 4.25 2.13
CA GLY A 13 0.84 4.31 3.33
C GLY A 13 0.23 5.23 4.38
N LYS A 14 0.25 4.79 5.63
CA LYS A 14 -0.30 5.58 6.73
C LYS A 14 0.75 6.55 7.28
N TYR A 15 1.97 6.05 7.44
CA TYR A 15 3.06 6.87 7.96
C TYR A 15 4.07 7.19 6.87
N LEU A 16 4.70 8.36 6.99
CA LEU A 16 5.70 8.79 6.01
C LEU A 16 6.79 9.63 6.68
N SER A 17 8.02 9.44 6.25
CA SER A 17 9.15 10.17 6.80
C SER A 17 9.14 11.62 6.32
N ARG A 18 10.21 12.34 6.63
CA ARG A 18 10.33 13.74 6.23
C ARG A 18 11.11 13.89 4.94
N ILE A 19 10.44 13.66 3.81
CA ILE A 19 11.08 13.75 2.51
C ILE A 19 11.03 15.18 1.97
N HIS A 20 11.74 15.43 0.88
CA HIS A 20 11.77 16.75 0.27
C HIS A 20 11.49 16.66 -1.24
N ARG A 21 12.11 15.68 -1.88
CA ARG A 21 11.93 15.49 -3.32
C ARG A 21 11.82 14.01 -3.67
N SER A 22 12.70 13.20 -3.07
CA SER A 22 12.70 11.76 -3.31
C SER A 22 11.33 11.16 -3.04
N GLY A 23 10.91 11.20 -1.77
CA GLY A 23 9.62 10.66 -1.40
C GLY A 23 9.73 9.35 -0.64
N ILE A 24 10.69 8.50 -1.05
CA ILE A 24 10.90 7.22 -0.40
C ILE A 24 12.27 7.16 0.26
N ASP A 25 12.29 6.73 1.52
CA ASP A 25 13.54 6.63 2.27
C ASP A 25 14.38 5.45 1.77
N TYR A 26 15.68 5.52 1.98
CA TYR A 26 16.59 4.47 1.56
C TYR A 26 16.68 3.37 2.61
N THR A 27 15.85 2.35 2.46
CA THR A 27 15.84 1.23 3.40
C THR A 27 16.00 -0.10 2.68
N GLU A 28 17.24 -0.44 2.34
CA GLU A 28 17.52 -1.69 1.64
C GLU A 28 17.26 -2.89 2.55
N PHE A 29 17.63 -2.76 3.81
CA PHE A 29 17.44 -3.83 4.79
C PHE A 29 15.99 -4.30 4.79
N ALA A 30 15.06 -3.36 4.64
CA ALA A 30 13.64 -3.67 4.63
C ALA A 30 13.29 -4.57 3.45
N LYS A 31 13.83 -4.25 2.29
CA LYS A 31 13.58 -5.03 1.07
C LYS A 31 14.39 -6.31 1.08
N ASP A 32 13.73 -7.44 0.81
CA ASP A 32 14.39 -8.74 0.78
C ASP A 32 13.82 -9.61 -0.33
N ASN A 33 12.52 -9.88 -0.26
CA ASN A 33 11.86 -10.71 -1.25
C ASN A 33 10.35 -10.75 -1.01
N THR A 34 9.58 -10.85 -2.09
CA THR A 34 8.13 -10.89 -2.00
C THR A 34 7.66 -12.18 -1.30
N ASP A 35 6.56 -12.07 -0.56
CA ASP A 35 6.01 -13.22 0.15
C ASP A 35 4.50 -13.11 0.27
N PHE A 1 11.74 -5.51 -22.19
CA PHE A 1 10.50 -5.63 -21.45
C PHE A 1 10.74 -5.48 -19.94
N ASN A 2 9.76 -4.92 -19.24
CA ASN A 2 9.87 -4.71 -17.80
C ASN A 2 8.56 -5.05 -17.10
N PRO A 3 8.24 -6.35 -17.07
CA PRO A 3 7.01 -6.84 -16.43
C PRO A 3 7.06 -6.71 -14.91
N VAL A 4 6.78 -5.51 -14.41
CA VAL A 4 6.79 -5.25 -12.98
C VAL A 4 5.41 -4.82 -12.49
N GLY A 5 5.03 -5.30 -11.30
CA GLY A 5 3.73 -4.96 -10.74
C GLY A 5 3.76 -3.61 -10.04
N VAL A 6 3.23 -2.59 -10.71
CA VAL A 6 3.19 -1.24 -10.15
C VAL A 6 1.79 -0.64 -10.29
N ALA A 7 0.78 -1.44 -9.97
CA ALA A 7 -0.61 -0.99 -10.04
C ALA A 7 -1.50 -1.78 -9.07
N PHE A 8 -1.36 -3.09 -9.10
CA PHE A 8 -2.15 -3.95 -8.22
C PHE A 8 -1.52 -4.05 -6.83
N LYS A 9 -0.19 -4.07 -6.80
CA LYS A 9 0.55 -4.17 -5.54
C LYS A 9 1.13 -2.81 -5.15
N GLY A 10 1.65 -2.73 -3.93
CA GLY A 10 2.24 -1.48 -3.46
C GLY A 10 3.75 -1.48 -3.57
N ASN A 11 4.38 -0.45 -3.01
CA ASN A 11 5.84 -0.33 -3.05
C ASN A 11 6.47 -1.16 -1.94
N ASN A 12 6.75 -2.43 -2.23
CA ASN A 12 7.35 -3.33 -1.26
C ASN A 12 8.84 -3.02 -1.10
N GLY A 13 9.38 -3.34 0.07
CA GLY A 13 10.79 -3.10 0.33
C GLY A 13 11.14 -1.62 0.26
N LYS A 14 10.45 -0.82 1.06
CA LYS A 14 10.69 0.62 1.08
C LYS A 14 11.89 0.95 1.96
N TYR A 15 12.03 0.22 3.07
CA TYR A 15 13.13 0.44 3.99
C TYR A 15 13.69 -0.89 4.50
N LEU A 16 13.79 -1.86 3.61
CA LEU A 16 14.30 -3.18 3.96
C LEU A 16 14.50 -4.05 2.72
N SER A 17 15.60 -4.79 2.68
CA SER A 17 15.90 -5.65 1.55
C SER A 17 14.81 -6.71 1.37
N ARG A 18 14.27 -6.79 0.16
CA ARG A 18 13.22 -7.75 -0.15
C ARG A 18 13.68 -9.17 0.19
N ILE A 19 14.63 -9.68 -0.57
CA ILE A 19 15.14 -11.03 -0.35
C ILE A 19 16.42 -11.00 0.48
N HIS A 20 16.89 -12.18 0.87
CA HIS A 20 18.11 -12.29 1.67
C HIS A 20 19.14 -13.18 0.98
N ARG A 21 18.86 -14.48 0.95
CA ARG A 21 19.76 -15.43 0.32
C ARG A 21 18.99 -16.41 -0.57
N SER A 22 19.08 -16.21 -1.87
CA SER A 22 18.39 -17.07 -2.83
C SER A 22 19.10 -18.40 -2.97
N GLY A 23 20.39 -18.35 -3.31
CA GLY A 23 21.17 -19.58 -3.47
C GLY A 23 21.96 -19.58 -4.77
N ILE A 24 21.46 -20.31 -5.76
CA ILE A 24 22.13 -20.40 -7.04
C ILE A 24 21.16 -20.15 -8.19
N ASP A 25 21.49 -19.17 -9.03
CA ASP A 25 20.65 -18.82 -10.18
C ASP A 25 21.20 -19.44 -11.46
N TYR A 26 20.54 -20.49 -11.92
CA TYR A 26 20.97 -21.18 -13.15
C TYR A 26 20.09 -20.77 -14.33
N THR A 27 18.80 -20.59 -14.07
CA THR A 27 17.85 -20.21 -15.10
C THR A 27 17.53 -18.72 -15.03
N GLU A 28 18.53 -17.92 -14.67
CA GLU A 28 18.36 -16.48 -14.57
C GLU A 28 17.75 -15.90 -15.85
N PHE A 29 18.14 -16.46 -16.98
CA PHE A 29 17.64 -16.01 -18.28
C PHE A 29 16.11 -15.98 -18.28
N ALA A 30 15.50 -16.97 -17.64
CA ALA A 30 14.05 -17.06 -17.56
C ALA A 30 13.45 -15.75 -17.07
N LYS A 31 14.12 -15.12 -16.11
CA LYS A 31 13.65 -13.86 -15.55
C LYS A 31 13.96 -12.70 -16.48
N ASP A 32 13.22 -12.60 -17.58
CA ASP A 32 13.42 -11.53 -18.55
C ASP A 32 12.28 -11.47 -19.55
N ASN A 33 11.96 -12.62 -20.15
CA ASN A 33 10.88 -12.70 -21.12
C ASN A 33 10.19 -14.06 -21.05
N THR A 34 9.35 -14.23 -20.04
CA THR A 34 8.62 -15.49 -19.85
C THR A 34 7.34 -15.50 -20.69
N ASP A 35 6.48 -14.52 -20.47
CA ASP A 35 5.22 -14.42 -21.20
C ASP A 35 5.09 -13.07 -21.88
N PHE A 1 9.32 7.08 -13.85
CA PHE A 1 8.35 6.53 -14.79
C PHE A 1 7.31 5.69 -14.06
N ASN A 2 6.92 6.13 -12.86
CA ASN A 2 5.95 5.41 -12.06
C ASN A 2 4.85 6.35 -11.56
N PRO A 3 3.98 6.79 -12.50
CA PRO A 3 2.88 7.70 -12.18
C PRO A 3 1.79 7.03 -11.35
N VAL A 4 1.56 5.75 -11.61
CA VAL A 4 0.55 4.99 -10.88
C VAL A 4 1.07 3.61 -10.49
N GLY A 5 2.32 3.57 -10.04
CA GLY A 5 2.93 2.31 -9.63
C GLY A 5 3.01 1.31 -10.78
N VAL A 6 3.16 0.04 -10.43
CA VAL A 6 3.25 -1.01 -11.44
C VAL A 6 1.96 -1.79 -11.53
N ALA A 7 1.29 -1.98 -10.40
CA ALA A 7 0.03 -2.72 -10.36
C ALA A 7 -0.72 -2.43 -9.06
N PHE A 8 -1.79 -3.18 -8.83
CA PHE A 8 -2.61 -3.01 -7.63
C PHE A 8 -1.74 -3.09 -6.38
N LYS A 9 -0.73 -3.95 -6.41
CA LYS A 9 0.17 -4.12 -5.28
C LYS A 9 0.92 -2.83 -4.98
N GLY A 10 1.90 -2.90 -4.08
CA GLY A 10 2.67 -1.73 -3.72
C GLY A 10 3.20 -1.79 -2.31
N ASN A 11 2.37 -2.28 -1.39
CA ASN A 11 2.77 -2.39 0.01
C ASN A 11 2.31 -3.73 0.60
N ASN A 12 1.01 -3.84 0.83
CA ASN A 12 0.44 -5.07 1.40
C ASN A 12 0.75 -6.27 0.50
N GLY A 13 1.24 -7.33 1.11
CA GLY A 13 1.57 -8.54 0.36
C GLY A 13 1.08 -9.80 1.04
N LYS A 14 1.97 -10.78 1.18
CA LYS A 14 1.62 -12.04 1.81
C LYS A 14 2.57 -12.34 2.98
N TYR A 15 3.86 -12.28 2.69
CA TYR A 15 4.88 -12.54 3.72
C TYR A 15 6.18 -11.79 3.41
N LEU A 16 6.42 -10.72 4.16
CA LEU A 16 7.63 -9.91 3.97
C LEU A 16 7.75 -8.86 5.06
N SER A 17 7.78 -9.32 6.32
CA SER A 17 7.90 -8.42 7.46
C SER A 17 8.01 -9.20 8.76
N ARG A 18 9.24 -9.50 9.16
CA ARG A 18 9.48 -10.26 10.39
C ARG A 18 9.46 -9.34 11.60
N ILE A 19 10.14 -8.20 11.49
CA ILE A 19 10.20 -7.23 12.59
C ILE A 19 9.20 -6.10 12.35
N HIS A 20 8.18 -6.04 13.20
CA HIS A 20 7.17 -5.00 13.11
C HIS A 20 7.27 -4.02 14.27
N ARG A 21 7.36 -4.56 15.48
CA ARG A 21 7.46 -3.73 16.67
C ARG A 21 8.87 -3.79 17.25
N SER A 22 9.21 -2.80 18.08
CA SER A 22 10.53 -2.73 18.70
C SER A 22 10.70 -3.85 19.72
N GLY A 23 10.01 -3.72 20.84
CA GLY A 23 10.10 -4.74 21.88
C GLY A 23 10.85 -4.24 23.11
N ILE A 24 11.97 -3.58 22.87
CA ILE A 24 12.78 -3.05 23.97
C ILE A 24 12.02 -2.01 24.78
N ASP A 25 12.61 -1.56 25.87
CA ASP A 25 11.99 -0.57 26.73
C ASP A 25 13.04 0.22 27.51
N TYR A 26 13.78 1.06 26.79
CA TYR A 26 14.82 1.88 27.41
C TYR A 26 14.50 3.36 27.30
N THR A 27 13.50 3.80 28.05
CA THR A 27 13.08 5.20 28.04
C THR A 27 12.53 5.62 29.39
N GLU A 28 13.41 5.74 30.37
CA GLU A 28 13.01 6.13 31.73
C GLU A 28 12.86 7.66 31.82
N PHE A 29 13.83 8.37 31.27
CA PHE A 29 13.81 9.83 31.30
C PHE A 29 12.59 10.37 30.57
N ALA A 30 12.21 9.71 29.47
CA ALA A 30 11.05 10.12 28.70
C ALA A 30 9.81 10.25 29.58
N LYS A 31 9.58 9.23 30.40
CA LYS A 31 8.43 9.23 31.31
C LYS A 31 8.66 8.30 32.48
N ASP A 32 8.01 8.60 33.61
CA ASP A 32 8.16 7.78 34.81
C ASP A 32 6.79 7.45 35.40
N ASN A 33 6.64 6.22 35.88
CA ASN A 33 5.37 5.78 36.46
C ASN A 33 5.62 4.75 37.57
N THR A 34 6.52 5.09 38.49
CA THR A 34 6.84 4.19 39.60
C THR A 34 6.21 4.67 40.89
N ASP A 35 6.24 3.81 41.92
CA ASP A 35 5.67 4.15 43.21
C ASP A 35 6.30 5.42 43.76
N PHE A 1 13.39 -2.16 -22.98
CA PHE A 1 12.58 -3.22 -22.40
C PHE A 1 12.65 -3.18 -20.87
N ASN A 2 11.79 -2.37 -20.26
CA ASN A 2 11.76 -2.23 -18.81
C ASN A 2 10.35 -1.91 -18.32
N PRO A 3 9.46 -2.90 -18.41
CA PRO A 3 8.06 -2.75 -17.98
C PRO A 3 7.92 -2.62 -16.47
N VAL A 4 7.23 -1.58 -16.03
CA VAL A 4 7.03 -1.34 -14.60
C VAL A 4 5.68 -0.68 -14.34
N GLY A 5 4.64 -1.19 -14.99
CA GLY A 5 3.31 -0.64 -14.82
C GLY A 5 2.49 -1.40 -13.79
N VAL A 6 3.15 -1.82 -12.71
CA VAL A 6 2.48 -2.56 -11.65
C VAL A 6 1.84 -1.61 -10.63
N ALA A 7 0.52 -1.51 -10.67
CA ALA A 7 -0.22 -0.65 -9.76
C ALA A 7 -0.77 -1.44 -8.58
N PHE A 8 -1.21 -2.67 -8.85
CA PHE A 8 -1.77 -3.52 -7.81
C PHE A 8 -0.82 -3.64 -6.64
N LYS A 9 0.48 -3.67 -6.92
CA LYS A 9 1.49 -3.77 -5.88
C LYS A 9 1.29 -2.69 -4.81
N GLY A 10 1.19 -3.12 -3.56
CA GLY A 10 1.01 -2.17 -2.47
C GLY A 10 2.32 -1.66 -1.91
N ASN A 11 2.78 -2.28 -0.84
CA ASN A 11 4.04 -1.88 -0.20
C ASN A 11 5.14 -2.90 -0.47
N ASN A 12 4.80 -4.18 -0.32
CA ASN A 12 5.75 -5.26 -0.55
C ASN A 12 5.33 -6.12 -1.74
N GLY A 13 6.14 -7.12 -2.05
CA GLY A 13 5.84 -8.00 -3.17
C GLY A 13 5.12 -9.27 -2.74
N LYS A 14 5.53 -10.40 -3.30
CA LYS A 14 4.91 -11.68 -2.97
C LYS A 14 5.98 -12.73 -2.68
N TYR A 15 6.72 -13.12 -3.71
CA TYR A 15 7.77 -14.12 -3.56
C TYR A 15 9.15 -13.50 -3.78
N LEU A 16 10.19 -14.28 -3.53
CA LEU A 16 11.56 -13.82 -3.70
C LEU A 16 12.10 -14.21 -5.08
N SER A 17 11.31 -13.99 -6.11
CA SER A 17 11.71 -14.33 -7.47
C SER A 17 11.63 -13.10 -8.38
N ARG A 18 12.71 -12.83 -9.11
CA ARG A 18 12.76 -11.69 -10.01
C ARG A 18 14.09 -11.66 -10.76
N ILE A 19 14.02 -11.43 -12.07
CA ILE A 19 15.22 -11.37 -12.90
C ILE A 19 15.36 -10.01 -13.57
N HIS A 20 16.47 -9.80 -14.26
CA HIS A 20 16.72 -8.54 -14.95
C HIS A 20 16.60 -8.72 -16.47
N ARG A 21 17.55 -9.44 -17.05
CA ARG A 21 17.54 -9.69 -18.49
C ARG A 21 18.37 -10.92 -18.83
N SER A 22 19.53 -11.04 -18.20
CA SER A 22 20.42 -12.17 -18.45
C SER A 22 20.33 -13.19 -17.32
N GLY A 23 19.12 -13.36 -16.79
CA GLY A 23 18.92 -14.31 -15.72
C GLY A 23 18.07 -15.49 -16.13
N ILE A 24 18.26 -15.96 -17.36
CA ILE A 24 17.50 -17.09 -17.88
C ILE A 24 18.33 -18.37 -17.83
N ASP A 25 17.67 -19.50 -18.09
CA ASP A 25 18.34 -20.79 -18.07
C ASP A 25 17.47 -21.86 -18.74
N TYR A 26 18.12 -22.86 -19.34
CA TYR A 26 17.41 -23.94 -20.01
C TYR A 26 18.12 -25.27 -19.80
N THR A 27 17.34 -26.35 -19.68
CA THR A 27 17.90 -27.68 -19.49
C THR A 27 17.74 -28.53 -20.73
N GLU A 28 18.52 -29.60 -20.82
CA GLU A 28 18.47 -30.50 -21.97
C GLU A 28 17.36 -31.53 -21.80
N PHE A 29 17.17 -31.99 -20.57
CA PHE A 29 16.14 -32.98 -20.27
C PHE A 29 14.78 -32.51 -20.77
N ALA A 30 14.53 -31.20 -20.67
CA ALA A 30 13.26 -30.63 -21.10
C ALA A 30 13.17 -30.60 -22.63
N LYS A 31 14.26 -30.20 -23.28
CA LYS A 31 14.30 -30.13 -24.73
C LYS A 31 15.68 -29.67 -25.21
N ASP A 32 16.05 -30.09 -26.41
CA ASP A 32 17.34 -29.72 -26.99
C ASP A 32 17.33 -28.27 -27.43
N ASN A 33 18.52 -27.67 -27.52
CA ASN A 33 18.65 -26.28 -27.93
C ASN A 33 18.26 -26.11 -29.40
N THR A 34 18.99 -26.77 -30.28
CA THR A 34 18.72 -26.70 -31.72
C THR A 34 19.09 -28.01 -32.41
N ASP A 35 20.30 -28.50 -32.16
CA ASP A 35 20.75 -29.75 -32.76
C ASP A 35 20.02 -30.94 -32.17
N PHE A 1 7.87 6.81 -17.82
CA PHE A 1 7.47 5.89 -18.87
C PHE A 1 7.12 4.53 -18.30
N ASN A 2 7.85 4.11 -17.28
CA ASN A 2 7.60 2.82 -16.64
C ASN A 2 8.37 2.72 -15.31
N PRO A 3 7.94 3.51 -14.32
CA PRO A 3 8.57 3.53 -12.99
C PRO A 3 8.31 2.25 -12.22
N VAL A 4 9.11 2.01 -11.18
CA VAL A 4 8.96 0.82 -10.35
C VAL A 4 7.71 0.91 -9.48
N GLY A 5 6.91 -0.16 -9.52
CA GLY A 5 5.69 -0.19 -8.74
C GLY A 5 4.48 -0.60 -9.55
N VAL A 6 3.90 -1.75 -9.21
CA VAL A 6 2.74 -2.25 -9.93
C VAL A 6 1.44 -1.68 -9.34
N ALA A 7 0.57 -1.19 -10.21
CA ALA A 7 -0.71 -0.63 -9.78
C ALA A 7 -1.50 -1.62 -8.95
N PHE A 8 -1.39 -2.90 -9.31
CA PHE A 8 -2.12 -3.95 -8.61
C PHE A 8 -1.63 -4.07 -7.16
N LYS A 9 -0.32 -3.89 -6.97
CA LYS A 9 0.28 -3.97 -5.65
C LYS A 9 1.60 -3.20 -5.59
N GLY A 10 1.72 -2.31 -4.61
CA GLY A 10 2.93 -1.54 -4.47
C GLY A 10 3.47 -1.55 -3.06
N ASN A 11 3.39 -0.41 -2.38
CA ASN A 11 3.87 -0.30 -1.00
C ASN A 11 3.09 0.76 -0.24
N ASN A 12 3.22 0.74 1.09
CA ASN A 12 2.53 1.71 1.94
C ASN A 12 3.48 2.30 2.98
N GLY A 13 3.03 3.34 3.66
CA GLY A 13 3.84 3.99 4.68
C GLY A 13 3.48 3.54 6.07
N LYS A 14 2.19 3.66 6.41
CA LYS A 14 1.71 3.27 7.73
C LYS A 14 0.58 2.26 7.62
N TYR A 15 -0.34 2.51 6.70
CA TYR A 15 -1.49 1.63 6.49
C TYR A 15 -1.96 1.67 5.05
N LEU A 16 -3.00 0.91 4.75
CA LEU A 16 -3.56 0.87 3.40
C LEU A 16 -5.04 0.49 3.43
N SER A 17 -5.59 0.21 2.25
CA SER A 17 -7.00 -0.18 2.15
C SER A 17 -7.15 -1.50 1.43
N ARG A 18 -7.95 -2.40 1.99
CA ARG A 18 -8.18 -3.72 1.40
C ARG A 18 -9.63 -3.87 0.98
N ILE A 19 -10.17 -2.84 0.33
CA ILE A 19 -11.55 -2.87 -0.14
C ILE A 19 -11.64 -2.59 -1.63
N HIS A 20 -11.72 -3.66 -2.42
CA HIS A 20 -11.81 -3.54 -3.87
C HIS A 20 -12.88 -4.47 -4.43
N ARG A 21 -12.80 -5.75 -4.05
CA ARG A 21 -13.76 -6.73 -4.53
C ARG A 21 -14.16 -7.67 -3.38
N SER A 22 -15.27 -8.39 -3.59
CA SER A 22 -15.76 -9.33 -2.58
C SER A 22 -16.93 -10.14 -3.12
N GLY A 23 -17.83 -9.46 -3.84
CA GLY A 23 -18.98 -10.13 -4.40
C GLY A 23 -19.27 -9.70 -5.82
N ILE A 24 -18.22 -9.61 -6.63
CA ILE A 24 -18.37 -9.20 -8.03
C ILE A 24 -17.79 -10.26 -8.98
N ASP A 25 -18.57 -10.62 -9.98
CA ASP A 25 -18.13 -11.62 -10.95
C ASP A 25 -18.35 -11.12 -12.38
N TYR A 26 -17.37 -11.35 -13.24
CA TYR A 26 -17.44 -10.91 -14.63
C TYR A 26 -17.80 -12.08 -15.54
N THR A 27 -18.67 -12.96 -15.05
CA THR A 27 -19.09 -14.13 -15.83
C THR A 27 -20.53 -13.98 -16.28
N GLU A 28 -20.73 -13.34 -17.43
CA GLU A 28 -22.06 -13.13 -17.98
C GLU A 28 -22.49 -14.31 -18.84
N PHE A 29 -21.53 -14.88 -19.58
CA PHE A 29 -21.81 -16.03 -20.44
C PHE A 29 -22.33 -17.20 -19.63
N ALA A 30 -21.78 -17.37 -18.42
CA ALA A 30 -22.19 -18.46 -17.55
C ALA A 30 -23.70 -18.51 -17.38
N LYS A 31 -24.30 -17.33 -17.21
CA LYS A 31 -25.75 -17.22 -17.03
C LYS A 31 -26.40 -16.56 -18.25
N ASP A 32 -27.22 -17.33 -18.96
CA ASP A 32 -27.90 -16.83 -20.14
C ASP A 32 -29.14 -17.66 -20.45
N ASN A 33 -30.29 -16.98 -20.52
CA ASN A 33 -31.56 -17.65 -20.80
C ASN A 33 -32.64 -16.64 -21.15
N THR A 34 -33.79 -17.15 -21.59
CA THR A 34 -34.91 -16.29 -21.96
C THR A 34 -35.96 -16.22 -20.85
N ASP A 35 -36.63 -17.35 -20.62
CA ASP A 35 -37.65 -17.43 -19.59
C ASP A 35 -37.03 -17.68 -18.22
N PHE A 1 17.77 -5.49 -4.89
CA PHE A 1 18.37 -4.24 -4.47
C PHE A 1 17.41 -3.07 -4.68
N ASN A 2 16.76 -3.04 -5.83
CA ASN A 2 15.82 -1.98 -6.16
C ASN A 2 14.72 -2.48 -7.09
N PRO A 3 13.80 -3.31 -6.55
CA PRO A 3 12.69 -3.87 -7.31
C PRO A 3 11.67 -2.82 -7.70
N VAL A 4 10.58 -3.27 -8.33
CA VAL A 4 9.52 -2.36 -8.76
C VAL A 4 8.29 -3.14 -9.21
N GLY A 5 7.11 -2.66 -8.82
CA GLY A 5 5.88 -3.31 -9.19
C GLY A 5 4.85 -2.34 -9.76
N VAL A 6 3.61 -2.80 -9.86
CA VAL A 6 2.53 -1.97 -10.39
C VAL A 6 1.57 -1.56 -9.29
N ALA A 7 0.56 -0.78 -9.65
CA ALA A 7 -0.44 -0.31 -8.69
C ALA A 7 -1.10 -1.48 -7.98
N PHE A 8 -1.32 -2.57 -8.72
CA PHE A 8 -1.96 -3.76 -8.19
C PHE A 8 -1.17 -4.29 -6.98
N LYS A 9 0.15 -4.28 -7.09
CA LYS A 9 1.01 -4.76 -6.03
C LYS A 9 2.01 -3.68 -5.61
N GLY A 10 1.51 -2.47 -5.37
CA GLY A 10 2.37 -1.38 -4.96
C GLY A 10 1.66 -0.39 -4.05
N ASN A 11 0.88 -0.92 -3.11
CA ASN A 11 0.15 -0.09 -2.17
C ASN A 11 0.98 0.18 -0.91
N ASN A 12 1.41 -0.90 -0.26
CA ASN A 12 2.21 -0.79 0.95
C ASN A 12 3.68 -1.05 0.66
N GLY A 13 4.02 -2.32 0.44
CA GLY A 13 5.40 -2.69 0.14
C GLY A 13 5.51 -4.08 -0.44
N LYS A 14 6.07 -5.00 0.34
CA LYS A 14 6.25 -6.38 -0.12
C LYS A 14 5.62 -7.35 0.88
N TYR A 15 5.95 -7.18 2.15
CA TYR A 15 5.42 -8.05 3.20
C TYR A 15 4.94 -7.23 4.39
N LEU A 16 3.97 -7.78 5.12
CA LEU A 16 3.42 -7.10 6.29
C LEU A 16 2.85 -8.11 7.28
N SER A 17 2.12 -7.60 8.28
CA SER A 17 1.51 -8.46 9.29
C SER A 17 0.12 -8.90 8.86
N ARG A 18 0.05 -9.65 7.77
CA ARG A 18 -1.22 -10.14 7.25
C ARG A 18 -1.56 -11.50 7.83
N ILE A 19 -1.49 -11.61 9.16
CA ILE A 19 -1.79 -12.86 9.84
C ILE A 19 -3.14 -12.81 10.54
N HIS A 20 -3.89 -13.90 10.48
CA HIS A 20 -5.20 -13.97 11.10
C HIS A 20 -5.11 -13.65 12.59
N ARG A 21 -4.16 -14.28 13.28
CA ARG A 21 -3.96 -14.05 14.70
C ARG A 21 -2.53 -14.39 15.12
N SER A 22 -2.02 -15.50 14.60
CA SER A 22 -0.66 -15.94 14.92
C SER A 22 0.02 -16.55 13.69
N GLY A 23 -0.61 -17.56 13.11
CA GLY A 23 -0.06 -18.21 11.94
C GLY A 23 -0.37 -19.69 11.90
N ILE A 24 0.65 -20.50 12.15
CA ILE A 24 0.50 -21.95 12.13
C ILE A 24 1.15 -22.59 13.35
N ASP A 25 0.34 -23.26 14.16
CA ASP A 25 0.84 -23.91 15.37
C ASP A 25 0.19 -25.28 15.54
N TYR A 26 0.53 -25.96 16.64
CA TYR A 26 -0.01 -27.28 16.93
C TYR A 26 -1.29 -27.18 17.74
N THR A 27 -1.32 -26.23 18.67
CA THR A 27 -2.49 -26.03 19.51
C THR A 27 -2.64 -24.56 19.90
N GLU A 28 -3.84 -24.01 19.69
CA GLU A 28 -4.11 -22.62 20.02
C GLU A 28 -4.52 -22.48 21.48
N PHE A 29 -5.26 -23.47 21.98
CA PHE A 29 -5.71 -23.44 23.37
C PHE A 29 -4.54 -23.27 24.33
N ALA A 30 -3.49 -24.05 24.11
CA ALA A 30 -2.30 -23.98 24.95
C ALA A 30 -1.77 -22.56 25.05
N LYS A 31 -1.67 -21.90 23.90
CA LYS A 31 -1.17 -20.52 23.85
C LYS A 31 -2.26 -19.55 24.28
N ASP A 32 -1.85 -18.34 24.69
CA ASP A 32 -2.79 -17.32 25.12
C ASP A 32 -2.07 -16.00 25.37
N ASN A 33 -0.95 -16.06 26.10
CA ASN A 33 -0.17 -14.88 26.42
C ASN A 33 1.08 -14.81 25.57
N THR A 34 1.77 -15.94 25.44
CA THR A 34 3.00 -16.01 24.65
C THR A 34 3.41 -17.45 24.40
N ASP A 35 3.27 -18.29 25.43
CA ASP A 35 3.63 -19.70 25.32
C ASP A 35 2.98 -20.51 26.44
N PHE A 1 5.41 -8.78 -22.78
CA PHE A 1 4.37 -7.78 -22.58
C PHE A 1 3.76 -7.88 -21.19
N ASN A 2 4.27 -7.08 -20.27
CA ASN A 2 3.78 -7.09 -18.89
C ASN A 2 3.63 -5.67 -18.36
N PRO A 3 2.62 -4.94 -18.88
CA PRO A 3 2.35 -3.56 -18.47
C PRO A 3 1.80 -3.47 -17.05
N VAL A 4 0.83 -4.32 -16.75
CA VAL A 4 0.22 -4.34 -15.42
C VAL A 4 1.19 -4.88 -14.38
N GLY A 5 0.88 -4.64 -13.11
CA GLY A 5 1.74 -5.11 -12.04
C GLY A 5 2.61 -4.00 -11.46
N VAL A 6 2.08 -2.79 -11.44
CA VAL A 6 2.82 -1.64 -10.91
C VAL A 6 2.10 -1.03 -9.71
N ALA A 7 0.77 -1.03 -9.76
CA ALA A 7 -0.03 -0.48 -8.68
C ALA A 7 -0.69 -1.59 -7.86
N PHE A 8 -1.10 -2.65 -8.54
CA PHE A 8 -1.74 -3.78 -7.87
C PHE A 8 -0.88 -4.30 -6.73
N LYS A 9 0.43 -4.33 -6.95
CA LYS A 9 1.36 -4.81 -5.95
C LYS A 9 1.44 -3.83 -4.77
N GLY A 10 1.35 -2.54 -5.07
CA GLY A 10 1.41 -1.53 -4.03
C GLY A 10 1.68 -0.15 -4.58
N ASN A 11 2.04 0.78 -3.70
CA ASN A 11 2.33 2.15 -4.11
C ASN A 11 3.76 2.53 -3.76
N ASN A 12 4.01 2.75 -2.47
CA ASN A 12 5.34 3.11 -2.00
C ASN A 12 5.38 3.17 -0.47
N GLY A 13 4.34 3.75 0.12
CA GLY A 13 4.28 3.86 1.57
C GLY A 13 5.22 4.92 2.12
N LYS A 14 4.75 6.16 2.13
CA LYS A 14 5.54 7.27 2.64
C LYS A 14 5.75 7.16 4.15
N TYR A 15 4.68 6.83 4.86
CA TYR A 15 4.75 6.69 6.30
C TYR A 15 4.71 5.22 6.72
N LEU A 16 5.59 4.85 7.64
CA LEU A 16 5.66 3.47 8.11
C LEU A 16 6.05 3.43 9.59
N SER A 17 6.36 2.23 10.08
CA SER A 17 6.74 2.05 11.47
C SER A 17 8.24 2.24 11.66
N ARG A 18 8.61 2.96 12.72
CA ARG A 18 10.01 3.24 13.00
C ARG A 18 10.25 3.33 14.50
N ILE A 19 9.43 4.11 15.18
CA ILE A 19 9.54 4.28 16.63
C ILE A 19 8.17 4.33 17.29
N HIS A 20 8.16 4.36 18.63
CA HIS A 20 6.92 4.42 19.38
C HIS A 20 7.06 5.33 20.59
N ARG A 21 8.00 5.00 21.47
CA ARG A 21 8.24 5.79 22.67
C ARG A 21 9.73 5.88 22.98
N SER A 22 10.41 4.73 22.94
CA SER A 22 11.84 4.68 23.22
C SER A 22 12.64 5.11 22.00
N GLY A 23 13.96 5.11 22.14
CA GLY A 23 14.83 5.50 21.05
C GLY A 23 15.54 6.82 21.30
N ILE A 24 14.84 7.73 21.97
CA ILE A 24 15.41 9.04 22.27
C ILE A 24 15.17 9.42 23.73
N ASP A 25 16.24 9.82 24.42
CA ASP A 25 16.13 10.21 25.83
C ASP A 25 15.84 11.71 25.95
N TYR A 26 14.80 12.04 26.71
CA TYR A 26 14.42 13.43 26.92
C TYR A 26 13.95 13.66 28.34
N THR A 27 13.11 12.75 28.85
CA THR A 27 12.58 12.86 30.20
C THR A 27 12.98 11.65 31.04
N GLU A 28 13.82 11.87 32.04
CA GLU A 28 14.28 10.80 32.91
C GLU A 28 13.29 10.57 34.05
N PHE A 29 12.83 11.67 34.64
CA PHE A 29 11.88 11.59 35.75
C PHE A 29 10.67 10.74 35.37
N ALA A 30 10.23 10.87 34.13
CA ALA A 30 9.07 10.12 33.65
C ALA A 30 9.28 8.62 33.84
N LYS A 31 10.51 8.15 33.57
CA LYS A 31 10.83 6.75 33.72
C LYS A 31 12.33 6.52 33.50
N ASP A 32 12.90 5.61 34.30
CA ASP A 32 14.31 5.29 34.20
C ASP A 32 14.53 3.98 33.45
N ASN A 33 15.72 3.82 32.87
CA ASN A 33 16.04 2.60 32.13
C ASN A 33 17.21 1.87 32.78
N THR A 34 18.36 2.55 32.86
CA THR A 34 19.55 1.97 33.45
C THR A 34 20.65 3.01 33.62
N ASP A 35 20.79 3.89 32.62
CA ASP A 35 21.80 4.94 32.67
C ASP A 35 21.16 6.29 32.96
N PHE A 1 8.15 6.17 -22.93
CA PHE A 1 7.53 5.29 -21.94
C PHE A 1 8.43 4.10 -21.64
N ASN A 2 8.23 3.51 -20.47
CA ASN A 2 9.02 2.35 -20.05
C ASN A 2 8.20 1.42 -19.16
N PRO A 3 7.26 0.69 -19.79
CA PRO A 3 6.38 -0.24 -19.08
C PRO A 3 7.14 -1.48 -18.60
N VAL A 4 6.57 -2.17 -17.61
CA VAL A 4 7.19 -3.37 -17.06
C VAL A 4 6.29 -4.03 -16.02
N GLY A 5 5.58 -3.19 -15.25
CA GLY A 5 4.69 -3.71 -14.23
C GLY A 5 3.42 -2.91 -14.11
N VAL A 6 2.78 -2.99 -12.95
CA VAL A 6 1.53 -2.26 -12.72
C VAL A 6 1.52 -1.64 -11.32
N ALA A 7 0.42 -0.97 -10.98
CA ALA A 7 0.27 -0.34 -9.68
C ALA A 7 -0.54 -1.20 -8.74
N PHE A 8 -0.38 -2.51 -8.84
CA PHE A 8 -1.10 -3.44 -7.98
C PHE A 8 -0.40 -3.61 -6.64
N LYS A 9 0.92 -3.63 -6.67
CA LYS A 9 1.71 -3.78 -5.45
C LYS A 9 1.41 -2.66 -4.46
N GLY A 10 0.97 -3.03 -3.27
CA GLY A 10 0.65 -2.04 -2.25
C GLY A 10 1.22 -2.41 -0.90
N ASN A 11 2.46 -2.89 -0.89
CA ASN A 11 3.12 -3.28 0.36
C ASN A 11 4.58 -2.83 0.37
N ASN A 12 4.84 -1.70 0.99
CA ASN A 12 6.18 -1.15 1.08
C ASN A 12 6.25 0.02 2.05
N GLY A 13 6.15 -0.28 3.34
CA GLY A 13 6.19 0.76 4.35
C GLY A 13 5.20 0.51 5.48
N LYS A 14 5.70 -0.04 6.58
CA LYS A 14 4.85 -0.33 7.74
C LYS A 14 4.34 0.96 8.37
N TYR A 15 5.28 1.82 8.76
CA TYR A 15 4.93 3.10 9.38
C TYR A 15 4.69 4.17 8.33
N LEU A 16 4.52 5.41 8.79
CA LEU A 16 4.29 6.53 7.89
C LEU A 16 4.92 7.80 8.43
N SER A 17 4.60 8.93 7.80
CA SER A 17 5.14 10.22 8.23
C SER A 17 4.04 11.14 8.74
N ARG A 18 4.42 12.35 9.14
CA ARG A 18 3.45 13.31 9.65
C ARG A 18 2.43 13.68 8.59
N ILE A 19 2.88 13.76 7.35
CA ILE A 19 2.00 14.10 6.23
C ILE A 19 1.27 12.87 5.71
N HIS A 20 -0.05 12.97 5.58
CA HIS A 20 -0.86 11.86 5.09
C HIS A 20 -0.95 11.90 3.57
N ARG A 21 -1.43 13.01 3.03
CA ARG A 21 -1.58 13.17 1.59
C ARG A 21 -1.84 14.62 1.23
N SER A 22 -1.27 15.08 0.12
CA SER A 22 -1.44 16.45 -0.33
C SER A 22 -2.44 16.52 -1.48
N GLY A 23 -3.58 17.18 -1.22
CA GLY A 23 -4.60 17.31 -2.23
C GLY A 23 -5.27 18.67 -2.21
N ILE A 24 -4.52 19.70 -2.62
CA ILE A 24 -5.05 21.06 -2.65
C ILE A 24 -6.30 21.14 -3.52
N ASP A 25 -7.19 22.07 -3.17
CA ASP A 25 -8.42 22.26 -3.93
C ASP A 25 -8.92 23.70 -3.79
N TYR A 26 -9.06 24.39 -4.92
CA TYR A 26 -9.52 25.76 -4.92
C TYR A 26 -11.00 25.83 -5.30
N THR A 27 -11.57 27.03 -5.20
CA THR A 27 -12.98 27.24 -5.53
C THR A 27 -13.34 28.72 -5.51
N GLU A 28 -14.31 29.10 -6.35
CA GLU A 28 -14.74 30.48 -6.43
C GLU A 28 -15.09 31.03 -5.05
N PHE A 29 -15.67 30.18 -4.20
CA PHE A 29 -16.05 30.57 -2.85
C PHE A 29 -14.83 31.02 -2.06
N ALA A 30 -13.75 30.24 -2.15
CA ALA A 30 -12.53 30.56 -1.43
C ALA A 30 -11.81 31.75 -2.07
N LYS A 31 -11.87 31.82 -3.40
CA LYS A 31 -11.22 32.89 -4.14
C LYS A 31 -11.72 34.25 -3.67
N ASP A 32 -13.03 34.35 -3.43
CA ASP A 32 -13.62 35.60 -2.97
C ASP A 32 -12.90 36.14 -1.73
N ASN A 33 -12.60 37.42 -1.73
CA ASN A 33 -11.90 38.05 -0.62
C ASN A 33 -12.09 39.57 -0.65
N THR A 34 -13.35 40.00 -0.64
CA THR A 34 -13.67 41.42 -0.66
C THR A 34 -15.18 41.64 -0.54
N ASP A 35 -15.56 42.71 0.15
CA ASP A 35 -16.97 43.04 0.33
C ASP A 35 -17.18 44.54 0.34
N PHE A 1 8.77 -4.24 -22.63
CA PHE A 1 8.58 -3.38 -21.46
C PHE A 1 8.44 -4.22 -20.19
N ASN A 2 9.57 -4.68 -19.67
CA ASN A 2 9.58 -5.49 -18.46
C ASN A 2 8.83 -4.79 -17.33
N PRO A 3 8.42 -5.57 -16.31
CA PRO A 3 7.69 -5.04 -15.16
C PRO A 3 8.57 -4.18 -14.27
N VAL A 4 8.07 -3.00 -13.90
CA VAL A 4 8.82 -2.08 -13.05
C VAL A 4 8.06 -1.82 -11.74
N GLY A 5 6.76 -1.58 -11.85
CA GLY A 5 5.96 -1.32 -10.67
C GLY A 5 4.48 -1.33 -10.97
N VAL A 6 3.78 -2.35 -10.50
CA VAL A 6 2.34 -2.48 -10.72
C VAL A 6 1.56 -1.80 -9.61
N ALA A 7 0.56 -1.01 -10.00
CA ALA A 7 -0.28 -0.31 -9.03
C ALA A 7 -0.88 -1.27 -8.02
N PHE A 8 -1.36 -2.40 -8.50
CA PHE A 8 -1.96 -3.41 -7.63
C PHE A 8 -0.94 -3.97 -6.65
N LYS A 9 0.29 -4.15 -7.12
CA LYS A 9 1.36 -4.67 -6.29
C LYS A 9 1.73 -3.68 -5.18
N GLY A 10 1.73 -2.40 -5.52
CA GLY A 10 2.06 -1.38 -4.55
C GLY A 10 0.98 -1.20 -3.50
N ASN A 11 -0.05 -0.42 -3.84
CA ASN A 11 -1.14 -0.18 -2.92
C ASN A 11 -2.02 -1.42 -2.77
N ASN A 12 -2.94 -1.38 -1.81
CA ASN A 12 -3.83 -2.50 -1.55
C ASN A 12 -5.14 -2.33 -2.32
N GLY A 13 -5.03 -2.14 -3.64
CA GLY A 13 -6.21 -1.97 -4.46
C GLY A 13 -6.05 -0.84 -5.46
N LYS A 14 -7.03 0.06 -5.50
CA LYS A 14 -7.00 1.20 -6.41
C LYS A 14 -7.18 2.51 -5.66
N TYR A 15 -7.20 3.61 -6.41
CA TYR A 15 -7.35 4.93 -5.81
C TYR A 15 -8.62 5.00 -4.96
N LEU A 16 -8.70 6.01 -4.11
CA LEU A 16 -9.86 6.19 -3.24
C LEU A 16 -9.81 7.54 -2.53
N SER A 17 -10.97 8.17 -2.37
CA SER A 17 -11.06 9.47 -1.73
C SER A 17 -12.51 9.92 -1.60
N ARG A 18 -12.89 10.35 -0.41
CA ARG A 18 -14.25 10.81 -0.15
C ARG A 18 -14.29 12.32 0.05
N ILE A 19 -13.46 12.82 0.95
CA ILE A 19 -13.39 14.24 1.24
C ILE A 19 -12.24 14.90 0.49
N HIS A 20 -12.15 16.23 0.61
CA HIS A 20 -11.09 16.97 -0.06
C HIS A 20 -10.06 17.47 0.95
N ARG A 21 -10.48 18.41 1.79
CA ARG A 21 -9.59 18.98 2.81
C ARG A 21 -10.38 19.30 4.08
N SER A 22 -9.67 19.30 5.21
CA SER A 22 -10.30 19.59 6.50
C SER A 22 -9.24 19.88 7.56
N GLY A 23 -8.46 18.87 7.92
CA GLY A 23 -7.43 19.03 8.91
C GLY A 23 -7.97 19.55 10.23
N ILE A 24 -7.48 20.72 10.65
CA ILE A 24 -7.91 21.32 11.90
C ILE A 24 -8.72 22.60 11.64
N ASP A 25 -9.35 23.11 12.69
CA ASP A 25 -10.15 24.33 12.57
C ASP A 25 -10.47 24.90 13.95
N TYR A 26 -9.49 24.88 14.84
CA TYR A 26 -9.67 25.39 16.20
C TYR A 26 -8.51 26.31 16.59
N THR A 27 -8.14 27.20 15.67
CA THR A 27 -7.06 28.14 15.91
C THR A 27 -7.59 29.55 16.09
N GLU A 28 -8.72 29.68 16.78
CA GLU A 28 -9.34 30.98 17.01
C GLU A 28 -8.37 31.91 17.74
N PHE A 29 -7.66 31.37 18.72
CA PHE A 29 -6.71 32.15 19.49
C PHE A 29 -5.44 32.43 18.68
N ALA A 30 -4.98 31.41 17.96
CA ALA A 30 -3.78 31.54 17.13
C ALA A 30 -3.99 32.57 16.03
N LYS A 31 -5.20 32.62 15.49
CA LYS A 31 -5.52 33.55 14.42
C LYS A 31 -5.35 34.99 14.89
N ASP A 32 -5.71 35.24 16.16
CA ASP A 32 -5.58 36.58 16.74
C ASP A 32 -4.13 36.92 17.03
N ASN A 33 -3.88 38.18 17.38
CA ASN A 33 -2.53 38.62 17.70
C ASN A 33 -2.44 39.13 19.14
N THR A 34 -1.42 38.69 19.85
CA THR A 34 -1.21 39.09 21.24
C THR A 34 0.27 39.14 21.58
N ASP A 35 0.95 38.02 21.39
CA ASP A 35 2.38 37.94 21.68
C ASP A 35 3.13 37.27 20.53
N PHE A 1 12.77 -15.09 -8.36
CA PHE A 1 12.44 -13.70 -8.11
C PHE A 1 10.97 -13.43 -8.38
N ASN A 2 10.50 -12.24 -8.02
CA ASN A 2 9.12 -11.86 -8.23
C ASN A 2 8.97 -11.00 -9.48
N PRO A 3 7.73 -10.93 -10.00
CA PRO A 3 7.43 -10.14 -11.20
C PRO A 3 7.52 -8.63 -10.95
N VAL A 4 7.27 -7.85 -11.99
CA VAL A 4 7.33 -6.40 -11.89
C VAL A 4 5.97 -5.82 -11.55
N GLY A 5 5.96 -4.79 -10.70
CA GLY A 5 4.71 -4.16 -10.31
C GLY A 5 4.19 -3.20 -11.35
N VAL A 6 2.88 -3.06 -11.42
CA VAL A 6 2.25 -2.16 -12.38
C VAL A 6 1.41 -1.10 -11.68
N ALA A 7 0.76 -1.50 -10.59
CA ALA A 7 -0.09 -0.59 -9.82
C ALA A 7 -0.67 -1.28 -8.59
N PHE A 8 -1.07 -2.54 -8.77
CA PHE A 8 -1.65 -3.30 -7.66
C PHE A 8 -0.64 -3.48 -6.53
N LYS A 9 0.63 -3.65 -6.90
CA LYS A 9 1.69 -3.83 -5.92
C LYS A 9 1.72 -2.67 -4.93
N GLY A 10 1.43 -2.96 -3.67
CA GLY A 10 1.42 -1.93 -2.64
C GLY A 10 0.91 -2.45 -1.32
N ASN A 11 0.34 -1.55 -0.52
CA ASN A 11 -0.19 -1.92 0.79
C ASN A 11 -1.58 -1.32 1.01
N ASN A 12 -1.70 -0.02 0.73
CA ASN A 12 -2.98 0.67 0.90
C ASN A 12 -2.88 2.11 0.42
N GLY A 13 -2.03 2.89 1.08
CA GLY A 13 -1.84 4.28 0.70
C GLY A 13 -1.37 5.14 1.85
N LYS A 14 -1.94 6.33 1.98
CA LYS A 14 -1.58 7.25 3.05
C LYS A 14 -2.81 7.72 3.81
N TYR A 15 -3.65 8.50 3.14
CA TYR A 15 -4.87 9.02 3.76
C TYR A 15 -5.78 9.63 2.72
N LEU A 16 -6.94 10.11 3.16
CA LEU A 16 -7.91 10.72 2.27
C LEU A 16 -8.82 11.70 3.03
N SER A 17 -9.20 12.79 2.36
CA SER A 17 -10.06 13.79 2.98
C SER A 17 -11.52 13.36 2.91
N ARG A 18 -12.40 14.16 3.51
CA ARG A 18 -13.82 13.87 3.53
C ARG A 18 -14.60 14.97 4.25
N ILE A 19 -15.38 15.73 3.48
CA ILE A 19 -16.17 16.82 4.05
C ILE A 19 -17.59 16.35 4.38
N HIS A 20 -18.09 16.76 5.53
CA HIS A 20 -19.44 16.38 5.95
C HIS A 20 -20.08 17.50 6.78
N ARG A 21 -21.26 17.22 7.33
CA ARG A 21 -21.97 18.20 8.14
C ARG A 21 -21.08 18.75 9.24
N SER A 22 -21.33 19.99 9.64
CA SER A 22 -20.54 20.64 10.69
C SER A 22 -21.42 21.53 11.55
N GLY A 23 -22.63 21.06 11.85
CA GLY A 23 -23.55 21.83 12.66
C GLY A 23 -24.23 20.99 13.73
N ILE A 24 -24.64 21.63 14.81
CA ILE A 24 -25.30 20.93 15.91
C ILE A 24 -26.75 21.41 16.07
N ASP A 25 -27.62 20.50 16.48
CA ASP A 25 -29.03 20.82 16.67
C ASP A 25 -29.67 19.88 17.68
N TYR A 26 -30.96 20.06 17.92
CA TYR A 26 -31.70 19.22 18.86
C TYR A 26 -32.72 18.35 18.14
N THR A 27 -33.44 17.55 18.91
CA THR A 27 -34.45 16.66 18.36
C THR A 27 -35.54 16.35 19.38
N GLU A 28 -36.65 17.08 19.29
CA GLU A 28 -37.77 16.89 20.20
C GLU A 28 -38.59 15.67 19.81
N PHE A 29 -38.76 15.47 18.50
CA PHE A 29 -39.53 14.34 18.00
C PHE A 29 -38.98 13.02 18.53
N ALA A 30 -37.65 12.94 18.63
CA ALA A 30 -37.01 11.74 19.13
C ALA A 30 -37.58 11.31 20.47
N LYS A 31 -37.72 12.28 21.38
CA LYS A 31 -38.27 12.01 22.70
C LYS A 31 -39.79 11.90 22.66
N ASP A 32 -40.28 10.78 22.17
CA ASP A 32 -41.72 10.56 22.07
C ASP A 32 -42.01 9.13 21.64
N ASN A 33 -41.21 8.61 20.71
CA ASN A 33 -41.39 7.25 20.22
C ASN A 33 -40.57 6.26 21.04
N THR A 34 -41.02 5.00 21.06
CA THR A 34 -40.33 3.96 21.81
C THR A 34 -40.29 2.66 21.02
N ASP A 35 -41.42 2.30 20.42
CA ASP A 35 -41.52 1.08 19.64
C ASP A 35 -41.10 1.33 18.20
N PHE A 1 15.02 0.94 -12.32
CA PHE A 1 14.25 0.87 -11.07
C PHE A 1 13.33 2.09 -10.94
N ASN A 2 12.15 1.86 -10.37
CA ASN A 2 11.18 2.93 -10.18
C ASN A 2 10.57 2.87 -8.77
N PRO A 3 9.99 4.00 -8.33
CA PRO A 3 9.35 4.10 -7.02
C PRO A 3 8.07 3.28 -6.93
N VAL A 4 7.30 3.29 -8.01
CA VAL A 4 6.05 2.55 -8.06
C VAL A 4 6.20 1.23 -8.81
N GLY A 5 5.58 0.18 -8.30
CA GLY A 5 5.67 -1.12 -8.94
C GLY A 5 4.90 -1.18 -10.25
N VAL A 6 3.75 -1.83 -10.22
CA VAL A 6 2.91 -1.95 -11.41
C VAL A 6 1.60 -1.20 -11.25
N ALA A 7 0.80 -1.61 -10.29
CA ALA A 7 -0.48 -0.98 -10.02
C ALA A 7 -1.17 -1.61 -8.82
N PHE A 8 -1.59 -2.86 -8.98
CA PHE A 8 -2.27 -3.58 -7.91
C PHE A 8 -1.38 -3.70 -6.68
N LYS A 9 -0.11 -4.00 -6.90
CA LYS A 9 0.86 -4.13 -5.81
C LYS A 9 1.03 -2.82 -5.07
N GLY A 10 1.95 -2.79 -4.11
CA GLY A 10 2.20 -1.59 -3.35
C GLY A 10 2.90 -1.86 -2.03
N ASN A 11 2.84 -0.91 -1.12
CA ASN A 11 3.48 -1.05 0.19
C ASN A 11 2.71 -2.03 1.07
N ASN A 12 3.25 -3.23 1.23
CA ASN A 12 2.61 -4.26 2.04
C ASN A 12 3.30 -4.40 3.39
N GLY A 13 2.66 -5.10 4.32
CA GLY A 13 3.23 -5.30 5.63
C GLY A 13 2.75 -4.27 6.63
N LYS A 14 2.64 -4.68 7.90
CA LYS A 14 2.18 -3.78 8.95
C LYS A 14 3.14 -3.81 10.14
N TYR A 15 3.60 -5.00 10.49
CA TYR A 15 4.52 -5.17 11.61
C TYR A 15 5.79 -5.88 11.17
N LEU A 16 6.75 -5.98 12.08
CA LEU A 16 8.02 -6.65 11.79
C LEU A 16 8.01 -8.08 12.31
N SER A 17 6.96 -8.82 11.98
CA SER A 17 6.84 -10.20 12.42
C SER A 17 8.01 -11.04 11.92
N ARG A 18 8.05 -12.30 12.34
CA ARG A 18 9.13 -13.20 11.94
C ARG A 18 8.62 -14.64 11.82
N ILE A 19 7.42 -14.79 11.27
CA ILE A 19 6.81 -16.10 11.10
C ILE A 19 7.75 -17.03 10.33
N HIS A 20 7.35 -18.29 10.21
CA HIS A 20 8.15 -19.29 9.49
C HIS A 20 8.11 -19.03 7.99
N ARG A 21 6.90 -19.06 7.42
CA ARG A 21 6.74 -18.83 5.99
C ARG A 21 5.34 -18.29 5.69
N SER A 22 5.18 -17.70 4.51
CA SER A 22 3.90 -17.14 4.11
C SER A 22 3.62 -17.42 2.63
N GLY A 23 4.32 -16.71 1.76
CA GLY A 23 4.15 -16.90 0.33
C GLY A 23 4.32 -15.62 -0.46
N ILE A 24 5.53 -15.06 -0.41
CA ILE A 24 5.83 -13.83 -1.12
C ILE A 24 7.25 -13.83 -1.67
N ASP A 25 7.40 -13.41 -2.91
CA ASP A 25 8.72 -13.37 -3.56
C ASP A 25 9.65 -12.42 -2.81
N TYR A 26 10.88 -12.30 -3.31
CA TYR A 26 11.87 -11.44 -2.68
C TYR A 26 12.21 -10.25 -3.60
N THR A 27 13.03 -9.35 -3.09
CA THR A 27 13.42 -8.17 -3.85
C THR A 27 14.90 -8.25 -4.26
N GLU A 28 15.20 -7.73 -5.45
CA GLU A 28 16.57 -7.75 -5.95
C GLU A 28 17.53 -7.13 -4.94
N PHE A 29 17.10 -6.05 -4.30
CA PHE A 29 17.91 -5.36 -3.31
C PHE A 29 18.36 -6.33 -2.21
N ALA A 30 17.49 -7.25 -1.84
CA ALA A 30 17.78 -8.24 -0.81
C ALA A 30 18.68 -9.34 -1.36
N LYS A 31 18.39 -9.77 -2.58
CA LYS A 31 19.16 -10.84 -3.23
C LYS A 31 20.58 -10.37 -3.54
N ASP A 32 21.50 -10.65 -2.63
CA ASP A 32 22.90 -10.25 -2.81
C ASP A 32 23.84 -11.33 -2.26
N ASN A 33 25.03 -11.40 -2.82
CA ASN A 33 26.03 -12.37 -2.39
C ASN A 33 27.39 -11.72 -2.18
N THR A 34 28.20 -12.30 -1.32
CA THR A 34 29.54 -11.78 -1.03
C THR A 34 30.58 -12.40 -1.96
N ASP A 35 30.97 -11.65 -2.97
CA ASP A 35 31.97 -12.11 -3.93
C ASP A 35 33.28 -11.34 -3.78
N PHE A 1 7.05 13.47 -16.69
CA PHE A 1 5.90 13.89 -15.89
C PHE A 1 4.82 12.81 -15.90
N ASN A 2 5.22 11.56 -15.79
CA ASN A 2 4.28 10.44 -15.78
C ASN A 2 4.14 9.85 -14.39
N PRO A 3 3.04 9.10 -14.17
CA PRO A 3 2.76 8.47 -12.88
C PRO A 3 3.72 7.32 -12.59
N VAL A 4 3.62 6.76 -11.38
CA VAL A 4 4.46 5.65 -10.98
C VAL A 4 3.64 4.42 -10.62
N GLY A 5 4.31 3.32 -10.28
CA GLY A 5 3.62 2.10 -9.93
C GLY A 5 3.48 1.16 -11.10
N VAL A 6 3.27 -0.12 -10.81
CA VAL A 6 3.12 -1.14 -11.84
C VAL A 6 1.73 -1.76 -11.80
N ALA A 7 1.24 -2.00 -10.59
CA ALA A 7 -0.08 -2.60 -10.41
C ALA A 7 -0.63 -2.31 -9.02
N PHE A 8 -1.74 -2.95 -8.67
CA PHE A 8 -2.36 -2.76 -7.38
C PHE A 8 -1.37 -3.00 -6.25
N LYS A 9 -0.50 -3.99 -6.43
CA LYS A 9 0.51 -4.33 -5.43
C LYS A 9 1.31 -3.10 -5.05
N GLY A 10 1.36 -2.80 -3.75
CA GLY A 10 2.10 -1.65 -3.27
C GLY A 10 3.03 -2.00 -2.14
N ASN A 11 2.50 -2.65 -1.11
CA ASN A 11 3.29 -3.04 0.05
C ASN A 11 3.51 -4.54 0.08
N ASN A 12 4.74 -4.95 0.39
CA ASN A 12 5.08 -6.37 0.45
C ASN A 12 4.76 -6.95 1.81
N GLY A 13 4.50 -8.25 1.85
CA GLY A 13 4.18 -8.91 3.10
C GLY A 13 2.73 -9.33 3.19
N LYS A 14 2.26 -10.04 2.18
CA LYS A 14 0.88 -10.51 2.14
C LYS A 14 0.73 -11.71 1.21
N TYR A 15 1.23 -11.56 -0.02
CA TYR A 15 1.15 -12.63 -1.01
C TYR A 15 2.18 -12.42 -2.11
N LEU A 16 2.45 -13.48 -2.87
CA LEU A 16 3.41 -13.42 -3.97
C LEU A 16 3.38 -14.70 -4.80
N SER A 17 2.24 -14.97 -5.41
CA SER A 17 2.07 -16.17 -6.23
C SER A 17 1.07 -15.92 -7.35
N ARG A 18 1.12 -14.72 -7.93
CA ARG A 18 0.21 -14.36 -9.01
C ARG A 18 0.51 -12.96 -9.52
N ILE A 19 1.34 -12.88 -10.56
CA ILE A 19 1.70 -11.59 -11.15
C ILE A 19 1.61 -11.64 -12.67
N HIS A 20 0.38 -11.67 -13.17
CA HIS A 20 0.13 -11.70 -14.61
C HIS A 20 -1.29 -11.24 -14.93
N ARG A 21 -2.24 -11.72 -14.16
CA ARG A 21 -3.64 -11.37 -14.36
C ARG A 21 -4.21 -10.64 -13.14
N SER A 22 -3.92 -9.35 -13.04
CA SER A 22 -4.41 -8.55 -11.92
C SER A 22 -4.55 -7.08 -12.32
N GLY A 23 -4.99 -6.86 -13.56
CA GLY A 23 -5.16 -5.50 -14.04
C GLY A 23 -4.65 -5.32 -15.45
N ILE A 24 -5.11 -4.27 -16.12
CA ILE A 24 -4.69 -3.99 -17.49
C ILE A 24 -3.53 -3.00 -17.52
N ASP A 25 -2.39 -3.44 -18.05
CA ASP A 25 -1.21 -2.60 -18.13
C ASP A 25 -1.33 -1.59 -19.28
N TYR A 26 -0.47 -0.59 -19.28
CA TYR A 26 -0.49 0.44 -20.30
C TYR A 26 0.91 0.70 -20.84
N THR A 27 1.06 0.67 -22.16
CA THR A 27 2.34 0.90 -22.80
C THR A 27 2.22 1.91 -23.93
N GLU A 28 3.31 2.62 -24.20
CA GLU A 28 3.33 3.62 -25.27
C GLU A 28 2.89 3.01 -26.60
N PHE A 29 3.39 1.82 -26.89
CA PHE A 29 3.05 1.14 -28.13
C PHE A 29 1.53 1.02 -28.29
N ALA A 30 0.86 0.62 -27.22
CA ALA A 30 -0.59 0.47 -27.24
C ALA A 30 -1.26 1.73 -27.75
N LYS A 31 -0.76 2.88 -27.32
CA LYS A 31 -1.33 4.17 -27.74
C LYS A 31 -0.51 5.33 -27.19
N ASP A 32 -0.32 6.36 -28.01
CA ASP A 32 0.44 7.53 -27.60
C ASP A 32 -0.48 8.64 -27.10
N ASN A 33 0.07 9.56 -26.31
CA ASN A 33 -0.70 10.67 -25.77
C ASN A 33 -0.54 11.91 -26.64
N THR A 34 0.61 12.54 -26.55
CA THR A 34 0.89 13.75 -27.33
C THR A 34 0.98 13.44 -28.81
N ASP A 35 0.15 14.10 -29.60
CA ASP A 35 0.14 13.91 -31.04
C ASP A 35 -0.28 15.18 -31.77
N PHE A 1 -1.34 -6.22 -18.67
CA PHE A 1 -1.35 -7.65 -18.93
C PHE A 1 0.05 -8.23 -18.84
N ASN A 2 0.83 -7.75 -17.86
CA ASN A 2 2.19 -8.23 -17.66
C ASN A 2 2.34 -8.91 -16.32
N PRO A 3 3.40 -9.73 -16.18
CA PRO A 3 3.68 -10.46 -14.94
C PRO A 3 4.12 -9.53 -13.81
N VAL A 4 4.96 -8.56 -14.15
CA VAL A 4 5.46 -7.61 -13.16
C VAL A 4 4.74 -6.27 -13.28
N GLY A 5 3.50 -6.23 -12.82
CA GLY A 5 2.73 -5.00 -12.88
C GLY A 5 3.25 -3.94 -11.93
N VAL A 6 2.61 -2.77 -11.96
CA VAL A 6 3.02 -1.66 -11.11
C VAL A 6 1.82 -0.84 -10.66
N ALA A 7 1.08 -1.35 -9.67
CA ALA A 7 -0.10 -0.67 -9.16
C ALA A 7 -0.71 -1.44 -8.00
N PHE A 8 -1.29 -2.60 -8.32
CA PHE A 8 -1.91 -3.44 -7.30
C PHE A 8 -0.88 -3.96 -6.30
N LYS A 9 0.30 -4.29 -6.80
CA LYS A 9 1.37 -4.80 -5.96
C LYS A 9 1.64 -3.84 -4.80
N GLY A 10 1.59 -2.54 -5.08
CA GLY A 10 1.83 -1.54 -4.05
C GLY A 10 0.59 -0.78 -3.68
N ASN A 11 0.55 0.51 -4.03
CA ASN A 11 -0.60 1.34 -3.72
C ASN A 11 -0.44 2.73 -4.34
N ASN A 12 -1.48 3.55 -4.23
CA ASN A 12 -1.45 4.91 -4.77
C ASN A 12 -1.64 5.94 -3.67
N GLY A 13 -1.48 7.22 -4.02
CA GLY A 13 -1.65 8.28 -3.05
C GLY A 13 -0.55 9.32 -3.14
N LYS A 14 -0.79 10.47 -2.53
CA LYS A 14 0.19 11.56 -2.54
C LYS A 14 -0.27 12.72 -1.67
N TYR A 15 -1.55 13.05 -1.76
CA TYR A 15 -2.12 14.14 -0.99
C TYR A 15 -3.42 13.71 -0.31
N LEU A 16 -3.39 12.55 0.33
CA LEU A 16 -4.56 12.03 1.01
C LEU A 16 -4.37 12.02 2.52
N SER A 17 -3.70 13.05 3.03
CA SER A 17 -3.44 13.17 4.45
C SER A 17 -3.71 14.59 4.95
N ARG A 18 -3.79 14.74 6.27
CA ARG A 18 -4.05 16.04 6.87
C ARG A 18 -2.89 16.47 7.75
N ILE A 19 -2.12 17.45 7.28
CA ILE A 19 -0.97 17.95 8.03
C ILE A 19 -1.40 18.45 9.40
N HIS A 20 -0.80 17.90 10.46
CA HIS A 20 -1.12 18.30 11.82
C HIS A 20 0.14 18.41 12.66
N ARG A 21 0.80 17.28 12.89
CA ARG A 21 2.02 17.24 13.68
C ARG A 21 3.01 16.21 13.12
N SER A 22 2.63 14.94 13.22
CA SER A 22 3.48 13.86 12.73
C SER A 22 2.63 12.65 12.31
N GLY A 23 1.77 12.20 13.22
CA GLY A 23 0.92 11.05 12.93
C GLY A 23 1.68 9.75 12.96
N ILE A 24 1.23 8.83 13.82
CA ILE A 24 1.88 7.53 13.96
C ILE A 24 1.69 6.70 12.70
N ASP A 25 2.69 5.89 12.37
CA ASP A 25 2.63 5.03 11.20
C ASP A 25 1.77 3.80 11.47
N TYR A 26 1.33 3.15 10.39
CA TYR A 26 0.50 1.97 10.51
C TYR A 26 1.36 0.70 10.59
N THR A 27 2.40 0.66 9.76
CA THR A 27 3.30 -0.49 9.74
C THR A 27 4.54 -0.18 8.89
N GLU A 28 5.59 -0.98 9.10
CA GLU A 28 6.84 -0.79 8.36
C GLU A 28 6.67 -1.19 6.90
N PHE A 29 5.91 -2.26 6.66
CA PHE A 29 5.66 -2.74 5.31
C PHE A 29 5.12 -1.64 4.43
N ALA A 30 4.12 -0.90 4.95
CA ALA A 30 3.51 0.20 4.21
C ALA A 30 4.56 1.19 3.75
N LYS A 31 5.56 1.44 4.59
CA LYS A 31 6.62 2.38 4.26
C LYS A 31 7.57 1.80 3.22
N ASP A 32 7.76 2.53 2.12
CA ASP A 32 8.64 2.08 1.05
C ASP A 32 9.27 3.27 0.34
N ASN A 33 10.39 3.02 -0.33
CA ASN A 33 11.09 4.08 -1.05
C ASN A 33 10.99 3.86 -2.56
N THR A 34 11.12 2.61 -2.98
CA THR A 34 11.05 2.27 -4.40
C THR A 34 9.75 2.78 -5.02
N ASP A 35 9.80 3.09 -6.30
CA ASP A 35 8.63 3.60 -7.02
C ASP A 35 8.14 2.58 -8.05
N PHE A 1 3.85 -10.47 -24.69
CA PHE A 1 3.46 -9.12 -24.28
C PHE A 1 2.51 -9.19 -23.08
N ASN A 2 3.04 -9.54 -21.92
CA ASN A 2 2.24 -9.64 -20.71
C ASN A 2 1.71 -8.27 -20.30
N PRO A 3 0.66 -8.26 -19.46
CA PRO A 3 0.04 -7.02 -18.98
C PRO A 3 0.93 -6.26 -18.02
N VAL A 4 0.38 -5.23 -17.38
CA VAL A 4 1.13 -4.42 -16.44
C VAL A 4 1.05 -5.00 -15.03
N GLY A 5 1.89 -4.51 -14.13
CA GLY A 5 1.89 -4.99 -12.77
C GLY A 5 2.70 -4.10 -11.84
N VAL A 6 2.09 -3.02 -11.39
CA VAL A 6 2.76 -2.09 -10.48
C VAL A 6 1.80 -1.56 -9.42
N ALA A 7 0.81 -0.80 -9.85
CA ALA A 7 -0.18 -0.24 -8.94
C ALA A 7 -0.82 -1.32 -8.09
N PHE A 8 -1.07 -2.48 -8.69
CA PHE A 8 -1.68 -3.60 -7.99
C PHE A 8 -0.78 -4.08 -6.84
N LYS A 9 0.52 -4.20 -7.12
CA LYS A 9 1.48 -4.64 -6.12
C LYS A 9 1.47 -3.70 -4.92
N GLY A 10 1.94 -2.48 -5.12
CA GLY A 10 1.97 -1.50 -4.04
C GLY A 10 0.64 -0.81 -3.84
N ASN A 11 0.05 -1.00 -2.68
CA ASN A 11 -1.24 -0.39 -2.36
C ASN A 11 -1.05 1.00 -1.77
N ASN A 12 0.00 1.16 -0.96
CA ASN A 12 0.29 2.44 -0.34
C ASN A 12 0.52 3.52 -1.40
N GLY A 13 1.35 3.21 -2.39
CA GLY A 13 1.64 4.16 -3.44
C GLY A 13 2.78 3.72 -4.33
N LYS A 14 3.62 4.67 -4.74
CA LYS A 14 4.77 4.36 -5.59
C LYS A 14 6.05 4.94 -5.01
N TYR A 15 6.12 6.27 -4.93
CA TYR A 15 7.29 6.95 -4.40
C TYR A 15 6.94 8.37 -3.98
N LEU A 16 7.42 8.77 -2.80
CA LEU A 16 7.17 10.11 -2.29
C LEU A 16 7.99 10.37 -1.03
N SER A 17 8.22 11.64 -0.72
CA SER A 17 8.99 12.02 0.45
C SER A 17 8.19 11.79 1.73
N ARG A 18 8.71 10.95 2.61
CA ARG A 18 8.05 10.65 3.87
C ARG A 18 8.95 9.83 4.79
N ILE A 19 9.51 8.75 4.24
CA ILE A 19 10.40 7.89 5.01
C ILE A 19 11.81 8.46 5.06
N HIS A 20 12.37 8.56 6.26
CA HIS A 20 13.72 9.08 6.44
C HIS A 20 14.57 8.12 7.27
N ARG A 21 13.96 7.53 8.29
CA ARG A 21 14.66 6.60 9.16
C ARG A 21 13.67 5.71 9.92
N SER A 22 12.60 6.32 10.41
CA SER A 22 11.58 5.58 11.16
C SER A 22 10.37 6.46 11.42
N GLY A 23 9.20 5.83 11.56
CA GLY A 23 7.99 6.57 11.82
C GLY A 23 6.76 5.68 11.83
N ILE A 24 6.19 5.43 10.65
CA ILE A 24 5.01 4.59 10.53
C ILE A 24 5.34 3.29 9.84
N ASP A 25 4.86 2.17 10.40
CA ASP A 25 5.10 0.85 9.83
C ASP A 25 3.88 -0.04 10.02
N TYR A 26 2.72 0.48 9.68
CA TYR A 26 1.48 -0.28 9.81
C TYR A 26 0.94 -0.71 8.44
N THR A 27 0.84 -2.01 8.23
CA THR A 27 0.35 -2.55 6.97
C THR A 27 0.21 -4.06 7.03
N GLU A 28 -0.81 -4.53 7.74
CA GLU A 28 -1.05 -5.96 7.88
C GLU A 28 -1.35 -6.60 6.52
N PHE A 29 -2.10 -5.88 5.69
CA PHE A 29 -2.46 -6.37 4.37
C PHE A 29 -1.23 -6.79 3.59
N ALA A 30 -0.17 -6.00 3.69
CA ALA A 30 1.08 -6.29 2.99
C ALA A 30 1.59 -7.68 3.33
N LYS A 31 1.50 -8.04 4.61
CA LYS A 31 1.95 -9.36 5.06
C LYS A 31 1.36 -9.68 6.43
N ASP A 32 1.87 -9.02 7.47
CA ASP A 32 1.41 -9.24 8.83
C ASP A 32 2.15 -8.34 9.81
N ASN A 33 1.88 -8.53 11.10
CA ASN A 33 2.52 -7.72 12.14
C ASN A 33 2.82 -8.59 13.37
N THR A 34 1.84 -9.37 13.79
CA THR A 34 2.01 -10.23 14.95
C THR A 34 1.27 -11.55 14.76
N ASP A 35 1.69 -12.57 15.51
CA ASP A 35 1.06 -13.89 15.42
C ASP A 35 0.71 -14.41 16.81
N PHE A 1 16.28 -8.81 -7.48
CA PHE A 1 15.71 -7.52 -7.13
C PHE A 1 14.70 -7.66 -5.99
N ASN A 2 14.12 -6.54 -5.57
CA ASN A 2 13.15 -6.53 -4.48
C ASN A 2 11.73 -6.68 -5.03
N PRO A 3 10.81 -7.09 -4.14
CA PRO A 3 9.40 -7.27 -4.51
C PRO A 3 8.69 -5.95 -4.80
N VAL A 4 8.45 -5.67 -6.07
CA VAL A 4 7.78 -4.43 -6.47
C VAL A 4 6.62 -4.72 -7.42
N GLY A 5 5.78 -3.72 -7.63
CA GLY A 5 4.64 -3.89 -8.51
C GLY A 5 4.48 -2.72 -9.47
N VAL A 6 3.28 -2.59 -10.04
CA VAL A 6 2.99 -1.51 -10.97
C VAL A 6 1.76 -0.72 -10.54
N ALA A 7 0.76 -1.42 -10.02
CA ALA A 7 -0.46 -0.79 -9.56
C ALA A 7 -1.24 -1.69 -8.61
N PHE A 8 -1.43 -2.94 -9.03
CA PHE A 8 -2.15 -3.91 -8.21
C PHE A 8 -1.49 -4.08 -6.85
N LYS A 9 -0.17 -4.17 -6.85
CA LYS A 9 0.59 -4.33 -5.62
C LYS A 9 1.65 -3.24 -5.48
N GLY A 10 1.74 -2.67 -4.27
CA GLY A 10 2.71 -1.62 -4.03
C GLY A 10 2.42 -0.83 -2.77
N ASN A 11 2.15 0.46 -2.93
CA ASN A 11 1.84 1.32 -1.79
C ASN A 11 0.34 1.50 -1.63
N ASN A 12 -0.05 2.26 -0.63
CA ASN A 12 -1.47 2.51 -0.35
C ASN A 12 -1.79 4.00 -0.46
N GLY A 13 -0.88 4.83 0.06
CA GLY A 13 -1.09 6.27 0.02
C GLY A 13 -0.12 7.02 0.93
N LYS A 14 0.10 8.29 0.62
CA LYS A 14 1.00 9.12 1.41
C LYS A 14 0.51 9.23 2.86
N TYR A 15 -0.67 9.80 3.03
CA TYR A 15 -1.26 9.97 4.36
C TYR A 15 -2.59 9.21 4.47
N LEU A 16 -2.65 8.05 3.84
CA LEU A 16 -3.85 7.23 3.87
C LEU A 16 -3.57 5.87 4.49
N SER A 17 -4.26 5.55 5.58
CA SER A 17 -4.09 4.28 6.26
C SER A 17 -5.38 3.84 6.93
N ARG A 18 -5.59 2.53 6.99
CA ARG A 18 -6.80 1.97 7.60
C ARG A 18 -6.44 0.91 8.64
N ILE A 19 -5.92 -0.23 8.17
CA ILE A 19 -5.54 -1.31 9.06
C ILE A 19 -4.37 -0.91 9.96
N HIS A 20 -4.50 -1.20 11.24
CA HIS A 20 -3.45 -0.86 12.20
C HIS A 20 -2.56 -2.06 12.47
N ARG A 21 -3.09 -3.07 13.16
CA ARG A 21 -2.34 -4.27 13.48
C ARG A 21 -3.01 -5.50 12.89
N SER A 22 -4.14 -5.89 13.47
CA SER A 22 -4.88 -7.06 13.00
C SER A 22 -6.06 -6.65 12.14
N GLY A 23 -6.83 -5.68 12.63
CA GLY A 23 -7.99 -5.21 11.89
C GLY A 23 -9.18 -6.14 12.00
N ILE A 24 -8.98 -7.39 11.57
CA ILE A 24 -10.06 -8.39 11.63
C ILE A 24 -10.24 -8.92 13.04
N ASP A 25 -11.45 -9.35 13.36
CA ASP A 25 -11.75 -9.88 14.68
C ASP A 25 -11.49 -11.38 14.74
N TYR A 26 -11.84 -12.00 15.86
CA TYR A 26 -11.64 -13.43 16.04
C TYR A 26 -12.88 -14.21 15.61
N THR A 27 -12.67 -15.22 14.78
CA THR A 27 -13.77 -16.05 14.29
C THR A 27 -13.77 -17.41 14.97
N GLU A 28 -14.75 -17.64 15.84
CA GLU A 28 -14.86 -18.90 16.56
C GLU A 28 -15.48 -19.98 15.66
N PHE A 29 -16.53 -19.60 14.94
CA PHE A 29 -17.22 -20.54 14.06
C PHE A 29 -16.26 -21.11 13.02
N ALA A 30 -15.40 -20.24 12.47
CA ALA A 30 -14.44 -20.65 11.47
C ALA A 30 -13.28 -21.44 12.10
N LYS A 31 -12.76 -20.93 13.20
CA LYS A 31 -11.66 -21.58 13.91
C LYS A 31 -12.12 -22.08 15.27
N ASP A 32 -12.16 -23.39 15.43
CA ASP A 32 -12.57 -24.00 16.70
C ASP A 32 -12.15 -25.46 16.76
N ASN A 33 -12.32 -26.17 15.65
CA ASN A 33 -11.95 -27.59 15.59
C ASN A 33 -11.16 -27.88 14.32
N THR A 34 -10.06 -28.61 14.47
CA THR A 34 -9.20 -28.96 13.35
C THR A 34 -8.88 -30.45 13.35
N ASP A 35 -8.65 -31.00 12.16
CA ASP A 35 -8.33 -32.42 12.03
C ASP A 35 -6.84 -32.66 12.27
N PHE A 1 15.77 1.02 -11.40
CA PHE A 1 15.26 2.24 -11.99
C PHE A 1 13.73 2.23 -12.07
N ASN A 2 13.18 1.06 -12.40
CA ASN A 2 11.74 0.90 -12.50
C ASN A 2 11.17 0.30 -11.22
N PRO A 3 9.85 0.46 -11.02
CA PRO A 3 9.16 -0.06 -9.84
C PRO A 3 9.06 -1.58 -9.84
N VAL A 4 8.52 -2.14 -8.77
CA VAL A 4 8.37 -3.58 -8.66
C VAL A 4 6.89 -3.99 -8.71
N GLY A 5 6.30 -3.84 -9.90
CA GLY A 5 4.90 -4.19 -10.06
C GLY A 5 4.25 -3.46 -11.22
N VAL A 6 3.22 -2.67 -10.92
CA VAL A 6 2.51 -1.92 -11.95
C VAL A 6 1.48 -0.99 -11.33
N ALA A 7 0.83 -1.46 -10.27
CA ALA A 7 -0.19 -0.68 -9.59
C ALA A 7 -0.75 -1.43 -8.39
N PHE A 8 -1.36 -2.58 -8.64
CA PHE A 8 -1.94 -3.39 -7.58
C PHE A 8 -0.90 -3.70 -6.50
N LYS A 9 0.33 -3.94 -6.93
CA LYS A 9 1.42 -4.25 -6.01
C LYS A 9 1.76 -3.03 -5.15
N GLY A 10 1.70 -3.21 -3.84
CA GLY A 10 2.01 -2.12 -2.94
C GLY A 10 0.88 -1.11 -2.82
N ASN A 11 0.45 -0.84 -1.59
CA ASN A 11 -0.64 0.11 -1.36
C ASN A 11 -0.19 1.23 -0.42
N ASN A 12 -0.43 2.46 -0.83
CA ASN A 12 -0.05 3.63 -0.04
C ASN A 12 -1.22 4.59 0.11
N GLY A 13 -1.32 5.22 1.27
CA GLY A 13 -2.39 6.16 1.52
C GLY A 13 -2.80 6.23 2.98
N LYS A 14 -1.83 6.56 3.84
CA LYS A 14 -2.10 6.65 5.27
C LYS A 14 -1.35 7.83 5.89
N TYR A 15 -0.02 7.80 5.80
CA TYR A 15 0.81 8.86 6.34
C TYR A 15 1.80 9.38 5.29
N LEU A 16 1.96 10.69 5.24
CA LEU A 16 2.88 11.31 4.28
C LEU A 16 3.07 12.79 4.59
N SER A 17 3.50 13.08 5.81
CA SER A 17 3.73 14.46 6.24
C SER A 17 5.18 14.66 6.65
N ARG A 18 5.61 15.92 6.67
CA ARG A 18 6.98 16.27 7.04
C ARG A 18 7.02 16.92 8.41
N ILE A 19 6.28 16.36 9.35
CA ILE A 19 6.23 16.88 10.72
C ILE A 19 6.38 15.77 11.75
N HIS A 20 7.43 15.88 12.57
CA HIS A 20 7.68 14.88 13.61
C HIS A 20 8.31 15.54 14.84
N ARG A 21 9.58 15.90 14.71
CA ARG A 21 10.30 16.53 15.82
C ARG A 21 9.76 17.93 16.09
N SER A 22 9.18 18.12 17.28
CA SER A 22 8.63 19.41 17.67
C SER A 22 9.51 20.08 18.72
N GLY A 23 9.48 19.54 19.94
CA GLY A 23 10.28 20.10 21.02
C GLY A 23 10.95 19.05 21.85
N ILE A 24 10.96 19.25 23.18
CA ILE A 24 11.57 18.30 24.09
C ILE A 24 10.52 17.66 24.99
N ASP A 25 10.91 16.56 25.63
CA ASP A 25 10.00 15.83 26.52
C ASP A 25 10.24 16.24 27.98
N TYR A 26 9.18 16.21 28.77
CA TYR A 26 9.28 16.56 30.19
C TYR A 26 9.29 15.32 31.07
N THR A 27 10.50 14.86 31.43
CA THR A 27 10.65 13.69 32.26
C THR A 27 11.53 13.97 33.47
N GLU A 28 11.34 15.14 34.08
CA GLU A 28 12.12 15.54 35.25
C GLU A 28 11.99 14.50 36.36
N PHE A 29 10.80 13.93 36.50
CA PHE A 29 10.55 12.93 37.53
C PHE A 29 11.02 11.55 37.07
N ALA A 30 10.73 11.23 35.81
CA ALA A 30 11.12 9.93 35.25
C ALA A 30 12.61 9.68 35.44
N LYS A 31 13.41 10.72 35.24
CA LYS A 31 14.86 10.60 35.39
C LYS A 31 15.23 10.23 36.82
N ASP A 32 14.54 10.84 37.78
CA ASP A 32 14.80 10.56 39.19
C ASP A 32 14.19 9.22 39.61
N ASN A 33 14.99 8.16 39.51
CA ASN A 33 14.53 6.83 39.88
C ASN A 33 15.16 6.38 41.20
N THR A 34 14.35 5.75 42.04
CA THR A 34 14.82 5.27 43.34
C THR A 34 14.63 3.77 43.47
N ASP A 35 14.96 3.23 44.64
CA ASP A 35 14.83 1.79 44.90
C ASP A 35 14.42 1.54 46.34
N PHE A 1 14.39 -3.96 -2.04
CA PHE A 1 14.06 -3.36 -3.32
C PHE A 1 13.53 -1.94 -3.14
N ASN A 2 13.88 -1.06 -4.07
CA ASN A 2 13.43 0.33 -4.01
C ASN A 2 11.90 0.42 -4.04
N PRO A 3 11.37 1.57 -3.59
CA PRO A 3 9.93 1.80 -3.56
C PRO A 3 9.33 1.95 -4.96
N VAL A 4 8.86 0.84 -5.52
CA VAL A 4 8.27 0.85 -6.85
C VAL A 4 7.35 -0.35 -7.06
N GLY A 5 6.28 -0.15 -7.81
CA GLY A 5 5.35 -1.23 -8.08
C GLY A 5 4.41 -0.93 -9.22
N VAL A 6 3.82 -1.97 -9.80
CA VAL A 6 2.89 -1.80 -10.91
C VAL A 6 1.71 -0.94 -10.51
N ALA A 7 0.83 -1.48 -9.68
CA ALA A 7 -0.34 -0.76 -9.22
C ALA A 7 -1.08 -1.53 -8.12
N PHE A 8 -1.55 -2.73 -8.47
CA PHE A 8 -2.26 -3.57 -7.51
C PHE A 8 -1.34 -4.02 -6.39
N LYS A 9 -0.12 -4.42 -6.74
CA LYS A 9 0.86 -4.87 -5.77
C LYS A 9 1.90 -3.79 -5.50
N GLY A 10 1.43 -2.56 -5.32
CA GLY A 10 2.34 -1.46 -5.05
C GLY A 10 1.89 -0.60 -3.89
N ASN A 11 2.08 0.71 -4.00
CA ASN A 11 1.68 1.64 -2.94
C ASN A 11 1.43 3.03 -3.51
N ASN A 12 0.90 3.92 -2.68
CA ASN A 12 0.60 5.28 -3.10
C ASN A 12 1.88 6.12 -3.14
N GLY A 13 2.58 6.06 -4.28
CA GLY A 13 3.81 6.81 -4.43
C GLY A 13 3.67 7.95 -5.43
N LYS A 14 2.91 7.69 -6.49
CA LYS A 14 2.71 8.69 -7.54
C LYS A 14 2.21 10.01 -6.94
N TYR A 15 1.20 9.92 -6.08
CA TYR A 15 0.65 11.11 -5.44
C TYR A 15 -0.06 10.74 -4.14
N LEU A 16 -0.47 11.75 -3.39
CA LEU A 16 -1.16 11.54 -2.12
C LEU A 16 -2.13 12.68 -1.82
N SER A 17 -2.82 13.14 -2.86
CA SER A 17 -3.78 14.23 -2.72
C SER A 17 -4.93 13.82 -1.81
N ARG A 18 -5.91 14.70 -1.67
CA ARG A 18 -7.07 14.44 -0.81
C ARG A 18 -8.29 14.12 -1.66
N ILE A 19 -8.08 13.37 -2.75
CA ILE A 19 -9.17 12.99 -3.64
C ILE A 19 -9.32 11.47 -3.71
N HIS A 20 -10.55 10.99 -3.55
CA HIS A 20 -10.82 9.56 -3.59
C HIS A 20 -10.91 9.07 -5.04
N ARG A 21 -12.01 9.42 -5.71
CA ARG A 21 -12.22 9.02 -7.09
C ARG A 21 -13.51 9.64 -7.65
N SER A 22 -13.66 10.95 -7.44
CA SER A 22 -14.84 11.65 -7.92
C SER A 22 -14.86 11.71 -9.44
N GLY A 23 -15.58 10.78 -10.06
CA GLY A 23 -15.67 10.75 -11.51
C GLY A 23 -16.57 11.84 -12.06
N ILE A 24 -17.79 11.90 -11.55
CA ILE A 24 -18.76 12.91 -12.00
C ILE A 24 -18.44 14.27 -11.40
N ASP A 25 -18.70 15.32 -12.18
CA ASP A 25 -18.45 16.69 -11.72
C ASP A 25 -19.34 17.03 -10.54
N TYR A 26 -18.72 17.38 -9.41
CA TYR A 26 -19.47 17.74 -8.21
C TYR A 26 -20.30 18.99 -8.44
N THR A 27 -19.64 20.06 -8.89
CA THR A 27 -20.31 21.33 -9.15
C THR A 27 -20.55 21.52 -10.63
N GLU A 28 -21.81 21.75 -11.00
CA GLU A 28 -22.17 21.96 -12.40
C GLU A 28 -21.80 23.37 -12.85
N PHE A 29 -22.02 24.34 -11.98
CA PHE A 29 -21.71 25.74 -12.29
C PHE A 29 -20.26 25.88 -12.74
N ALA A 30 -19.36 25.17 -12.06
CA ALA A 30 -17.94 25.22 -12.41
C ALA A 30 -17.69 24.65 -13.79
N LYS A 31 -18.43 23.60 -14.15
CA LYS A 31 -18.29 22.96 -15.44
C LYS A 31 -18.67 23.93 -16.57
N ASP A 32 -17.98 23.82 -17.70
CA ASP A 32 -18.24 24.67 -18.84
C ASP A 32 -17.37 24.28 -20.03
N ASN A 33 -17.56 24.95 -21.16
CA ASN A 33 -16.80 24.67 -22.37
C ASN A 33 -15.45 25.39 -22.33
N THR A 34 -14.37 24.62 -22.43
CA THR A 34 -13.02 25.18 -22.41
C THR A 34 -12.38 25.11 -23.80
N ASP A 35 -13.19 25.32 -24.83
CA ASP A 35 -12.71 25.28 -26.20
C ASP A 35 -11.56 26.25 -26.39
N PHE A 1 -0.15 -9.14 -21.63
CA PHE A 1 -0.42 -10.55 -21.80
C PHE A 1 0.05 -11.35 -20.58
N ASN A 2 1.35 -11.27 -20.30
CA ASN A 2 1.91 -11.98 -19.16
C ASN A 2 1.52 -11.31 -17.85
N PRO A 3 1.63 -12.07 -16.74
CA PRO A 3 1.29 -11.56 -15.41
C PRO A 3 2.28 -10.52 -14.91
N VAL A 4 2.05 -9.26 -15.28
CA VAL A 4 2.92 -8.16 -14.87
C VAL A 4 2.12 -6.92 -14.53
N GLY A 5 2.38 -6.36 -13.35
CA GLY A 5 1.67 -5.17 -12.92
C GLY A 5 2.46 -4.34 -11.94
N VAL A 6 2.17 -3.05 -11.87
CA VAL A 6 2.86 -2.15 -10.96
C VAL A 6 1.88 -1.45 -10.02
N ALA A 7 0.70 -1.15 -10.53
CA ALA A 7 -0.32 -0.48 -9.74
C ALA A 7 -0.91 -1.42 -8.69
N PHE A 8 -1.17 -2.66 -9.10
CA PHE A 8 -1.73 -3.66 -8.19
C PHE A 8 -0.88 -3.79 -6.94
N LYS A 9 0.44 -3.76 -7.11
CA LYS A 9 1.37 -3.87 -5.99
C LYS A 9 1.15 -2.73 -4.99
N GLY A 10 2.04 -2.64 -4.02
CA GLY A 10 1.95 -1.59 -3.01
C GLY A 10 1.41 -2.10 -1.69
N ASN A 11 0.40 -2.95 -1.75
CA ASN A 11 -0.19 -3.52 -0.54
C ASN A 11 -0.03 -5.03 -0.51
N ASN A 12 1.19 -5.48 -0.23
CA ASN A 12 1.48 -6.92 -0.17
C ASN A 12 1.98 -7.30 1.23
N GLY A 13 1.10 -7.22 2.21
CA GLY A 13 1.47 -7.56 3.58
C GLY A 13 1.66 -9.06 3.76
N LYS A 14 0.56 -9.81 3.69
CA LYS A 14 0.61 -11.25 3.85
C LYS A 14 -0.46 -11.93 2.99
N TYR A 15 -1.71 -11.66 3.29
CA TYR A 15 -2.83 -12.24 2.55
C TYR A 15 -3.84 -11.17 2.14
N LEU A 16 -4.82 -11.58 1.35
CA LEU A 16 -5.85 -10.65 0.88
C LEU A 16 -7.00 -11.40 0.22
N SER A 17 -8.22 -10.93 0.44
CA SER A 17 -9.40 -11.55 -0.13
C SER A 17 -10.52 -10.53 -0.33
N ARG A 18 -11.49 -10.88 -1.17
CA ARG A 18 -12.60 -9.99 -1.45
C ARG A 18 -13.91 -10.78 -1.58
N ILE A 19 -13.97 -11.65 -2.57
CA ILE A 19 -15.15 -12.47 -2.80
C ILE A 19 -15.53 -13.25 -1.55
N HIS A 20 -16.83 -13.32 -1.28
CA HIS A 20 -17.34 -14.04 -0.11
C HIS A 20 -17.63 -15.49 -0.45
N ARG A 21 -18.42 -15.71 -1.50
CA ARG A 21 -18.79 -17.04 -1.92
C ARG A 21 -19.04 -17.09 -3.42
N SER A 22 -20.15 -16.49 -3.85
CA SER A 22 -20.52 -16.46 -5.26
C SER A 22 -21.79 -15.66 -5.48
N GLY A 23 -22.89 -16.13 -4.91
CA GLY A 23 -24.15 -15.44 -5.06
C GLY A 23 -24.65 -14.85 -3.75
N ILE A 24 -24.59 -13.52 -3.65
CA ILE A 24 -25.01 -12.82 -2.45
C ILE A 24 -26.08 -11.77 -2.78
N ASP A 25 -27.11 -11.70 -1.94
CA ASP A 25 -28.19 -10.74 -2.13
C ASP A 25 -28.33 -9.83 -0.91
N TYR A 26 -28.44 -8.53 -1.17
CA TYR A 26 -28.58 -7.55 -0.10
C TYR A 26 -29.91 -6.83 -0.19
N THR A 27 -30.23 -6.05 0.85
CA THR A 27 -31.49 -5.30 0.88
C THR A 27 -31.33 -4.01 1.68
N GLU A 28 -30.63 -3.05 1.10
CA GLU A 28 -30.40 -1.76 1.75
C GLU A 28 -31.73 -1.13 2.16
N PHE A 29 -32.74 -1.28 1.32
CA PHE A 29 -34.06 -0.72 1.59
C PHE A 29 -34.56 -1.15 2.96
N ALA A 30 -34.36 -2.42 3.29
CA ALA A 30 -34.78 -2.95 4.58
C ALA A 30 -34.01 -2.30 5.73
N LYS A 31 -32.70 -2.16 5.55
CA LYS A 31 -31.85 -1.56 6.56
C LYS A 31 -31.15 -0.32 6.01
N ASP A 32 -31.65 0.85 6.38
CA ASP A 32 -31.07 2.11 5.92
C ASP A 32 -29.64 2.25 6.42
N ASN A 33 -28.79 2.88 5.61
CA ASN A 33 -27.39 3.08 5.97
C ASN A 33 -27.27 4.07 7.14
N THR A 34 -26.20 3.91 7.91
CA THR A 34 -25.97 4.79 9.06
C THR A 34 -24.58 5.43 8.98
N ASP A 35 -23.54 4.59 9.02
CA ASP A 35 -22.17 5.08 8.96
C ASP A 35 -21.80 5.48 7.54
#